data_5LDH
#
_entry.id   5LDH
#
_cell.length_a   133.600
_cell.length_b   133.600
_cell.length_c   113.500
_cell.angle_alpha   90.00
_cell.angle_beta   90.00
_cell.angle_gamma   120.00
#
_symmetry.space_group_name_H-M   'P 32 2 1'
#
loop_
_entity.id
_entity.type
_entity.pdbx_description
1 polymer 'LACTATE DEHYDROGENASE'
2 non-polymer '(3S)-5-(3-CARBOXY-3-HYDROXYPROPYL) NICOTINAMIDE-ADENINE-DINUCLEOTIDE'
3 non-polymer 'CITRIC ACID'
#
_entity_poly.entity_id   1
_entity_poly.type   'polypeptide(L)'
_entity_poly.pdbx_seq_one_letter_code
;(ACE)ATLKEKLIAPVAQQETTIPDNKITVVGVGQVGMACAISILGKSLTDELALVDVLEDKLKGEMMDLQHGSLFLQTP
KIVANKDYSVTANSKIVVVTAGVRQQEGESRLNLVQRNVNVFKFIIPQIVKYSPNCIIIVVSNPVDILTYVAWKLSGLPK
HRVIGSGCNLDSARFRYLMGEKLGVHPSSCHGWILGEHGDSSVAVWSGVNVAGVVLQQLNPEMGTDNDSENWKEVHKMVV
ESAYEVIKLKGYTNWAIGLSVADLIESMLKNLSRIHPVSTMVQGMYGIENEVFLSLPCVLNARGLTSVINQKLKDDEVAQ
LKNSADTLWGIQKDLKDL
;
_entity_poly.pdbx_strand_id   A,B
#
loop_
_chem_comp.id
_chem_comp.type
_chem_comp.name
_chem_comp.formula
ACE non-polymer 'ACETYL GROUP' 'C2 H4 O'
CIT non-polymer 'CITRIC ACID' 'C6 H8 O7'
LNC non-polymer '(3S)-5-(3-CARBOXY-3-HYDROXYPROPYL) NICOTINAMIDE-ADENINE-DINUCLEOTIDE' 'C25 H33 N7 O17 P2'
#
# COMPACT_ATOMS: atom_id res chain seq x y z
C ACE A 1 -10.46 -37.43 -23.93
O ACE A 1 -9.74 -37.19 -22.94
CH3 ACE A 1 -11.11 -38.79 -24.12
N ALA A 2 -10.71 -36.54 -24.88
CA ALA A 2 -10.13 -35.19 -24.82
C ALA A 2 -11.17 -34.17 -25.28
N THR A 3 -10.83 -32.90 -25.12
CA THR A 3 -11.74 -31.82 -25.51
C THR A 3 -11.71 -30.72 -24.46
N LEU A 4 -12.29 -31.01 -23.31
CA LEU A 4 -12.34 -30.05 -22.21
C LEU A 4 -11.25 -28.97 -22.10
N LYS A 5 -10.06 -29.32 -22.56
CA LYS A 5 -8.93 -28.39 -22.52
C LYS A 5 -7.66 -29.21 -22.26
N GLU A 6 -7.13 -29.08 -21.06
CA GLU A 6 -5.92 -29.81 -20.68
C GLU A 6 -5.72 -30.88 -19.60
N LYS A 7 -5.62 -32.12 -20.05
CA LYS A 7 -5.43 -33.24 -19.13
C LYS A 7 -6.04 -33.34 -17.74
N LEU A 8 -6.92 -34.31 -17.56
CA LEU A 8 -7.59 -34.51 -16.27
C LEU A 8 -8.84 -33.64 -16.20
N ILE A 9 -9.61 -33.83 -15.14
CA ILE A 9 -10.84 -33.06 -14.95
C ILE A 9 -11.57 -32.85 -13.62
N ALA A 10 -11.04 -31.94 -12.83
CA ALA A 10 -11.62 -31.64 -11.52
C ALA A 10 -11.19 -32.63 -10.45
N PRO A 11 -11.85 -33.78 -10.43
CA PRO A 11 -11.53 -34.82 -9.45
C PRO A 11 -10.06 -35.21 -9.57
N VAL A 12 -9.81 -36.51 -9.56
CA VAL A 12 -8.43 -37.02 -9.67
C VAL A 12 -7.73 -36.66 -8.35
N ALA A 13 -8.08 -37.40 -7.30
CA ALA A 13 -7.48 -37.15 -5.99
C ALA A 13 -8.61 -36.98 -4.96
N GLN A 14 -8.84 -35.72 -4.60
CA GLN A 14 -9.89 -35.41 -3.62
C GLN A 14 -11.10 -35.05 -4.48
N GLN A 15 -11.30 -33.76 -4.66
CA GLN A 15 -12.44 -33.28 -5.47
C GLN A 15 -13.06 -31.88 -5.38
N GLU A 16 -14.37 -31.83 -5.55
CA GLU A 16 -15.09 -30.56 -5.49
C GLU A 16 -15.18 -30.00 -4.06
N THR A 17 -14.62 -28.82 -3.88
CA THR A 17 -14.62 -28.18 -2.55
C THR A 17 -13.79 -26.93 -2.83
N THR A 18 -13.57 -26.15 -1.78
CA THR A 18 -12.79 -24.91 -1.91
C THR A 18 -12.60 -24.54 -0.45
N ILE A 19 -11.57 -25.10 0.16
CA ILE A 19 -11.28 -24.84 1.58
C ILE A 19 -10.03 -24.06 2.00
N PRO A 20 -10.22 -22.76 2.20
CA PRO A 20 -9.10 -21.90 2.60
C PRO A 20 -8.50 -22.42 3.91
N ASP A 21 -9.10 -22.02 5.02
CA ASP A 21 -8.63 -22.45 6.34
C ASP A 21 -8.33 -20.96 6.53
N ASN A 22 -8.87 -20.41 7.60
CA ASN A 22 -8.67 -18.98 7.90
C ASN A 22 -9.53 -17.78 7.49
N LYS A 23 -9.05 -17.07 6.47
CA LYS A 23 -9.78 -15.89 5.98
C LYS A 23 -10.06 -14.57 6.69
N ILE A 24 -10.02 -13.49 5.94
CA ILE A 24 -10.26 -12.16 6.50
C ILE A 24 -10.90 -11.02 5.70
N THR A 25 -11.28 -9.97 6.41
CA THR A 25 -11.90 -8.81 5.77
C THR A 25 -11.98 -7.34 6.18
N VAL A 26 -12.12 -6.48 5.18
CA VAL A 26 -12.20 -5.04 5.45
C VAL A 26 -13.43 -4.29 4.91
N VAL A 27 -13.97 -3.41 5.74
CA VAL A 27 -15.15 -2.64 5.36
C VAL A 27 -14.63 -1.24 5.03
N GLY A 28 -13.33 -1.15 4.84
CA GLY A 28 -12.70 0.13 4.52
C GLY A 28 -12.13 -0.37 3.19
N VAL A 29 -12.96 -0.34 2.17
CA VAL A 29 -12.53 -0.80 0.83
C VAL A 29 -11.88 0.50 0.34
N GLY A 30 -12.18 1.58 1.04
CA GLY A 30 -11.64 2.89 0.67
C GLY A 30 -10.24 3.14 1.26
N GLN A 31 -9.94 4.40 1.48
CA GLN A 31 -8.63 4.78 2.04
C GLN A 31 -8.05 3.79 3.05
N VAL A 32 -8.50 3.93 4.29
CA VAL A 32 -8.03 3.04 5.36
C VAL A 32 -8.11 1.66 4.72
N GLY A 33 -9.27 1.34 4.19
CA GLY A 33 -9.49 0.04 3.55
C GLY A 33 -8.28 -0.34 2.68
N MET A 34 -8.13 0.38 1.58
CA MET A 34 -7.02 0.12 0.65
C MET A 34 -5.65 0.13 1.34
N ALA A 35 -5.45 1.14 2.17
CA ALA A 35 -4.18 1.28 2.90
C ALA A 35 -4.06 -0.08 3.58
N CYS A 36 -5.10 -0.43 4.33
CA CYS A 36 -5.13 -1.72 5.04
C CYS A 36 -4.81 -2.81 4.01
N ALA A 37 -5.69 -2.92 3.03
CA ALA A 37 -5.51 -3.93 1.97
C ALA A 37 -4.07 -4.14 1.50
N ILE A 38 -3.44 -3.05 1.10
CA ILE A 38 -2.05 -3.11 0.62
C ILE A 38 -1.17 -3.76 1.68
N SER A 39 -1.04 -3.08 2.81
CA SER A 39 -0.21 -3.59 3.92
C SER A 39 -0.49 -5.09 3.98
N ILE A 40 -1.75 -5.42 4.16
CA ILE A 40 -2.16 -6.83 4.25
C ILE A 40 -1.88 -7.74 3.05
N LEU A 41 -2.30 -7.28 1.88
CA LEU A 41 -2.11 -8.06 0.65
C LEU A 41 -0.60 -8.18 0.45
N GLY A 42 0.13 -7.21 0.97
CA GLY A 42 1.60 -7.22 0.85
C GLY A 42 2.50 -8.00 1.81
N LYS A 43 2.29 -7.76 3.10
CA LYS A 43 3.08 -8.44 4.12
C LYS A 43 3.18 -9.96 3.93
N SER A 44 2.12 -10.64 4.34
CA SER A 44 2.07 -12.10 4.22
C SER A 44 1.05 -12.54 5.26
N LEU A 45 -0.17 -12.78 4.79
CA LEU A 45 -1.26 -13.19 5.69
C LEU A 45 -2.45 -13.97 5.14
N THR A 46 -2.74 -13.74 3.87
CA THR A 46 -3.87 -14.42 3.22
C THR A 46 -3.78 -15.88 2.75
N ASP A 47 -4.62 -16.70 3.35
CA ASP A 47 -4.64 -18.14 3.00
C ASP A 47 -5.95 -17.90 2.24
N GLU A 48 -6.66 -16.86 2.65
CA GLU A 48 -7.94 -16.52 2.00
C GLU A 48 -8.44 -15.14 2.43
N LEU A 49 -8.68 -14.30 1.45
CA LEU A 49 -9.16 -12.94 1.73
C LEU A 49 -10.40 -12.27 1.13
N ALA A 50 -11.19 -11.65 1.98
CA ALA A 50 -12.41 -10.97 1.54
C ALA A 50 -12.44 -9.45 1.77
N LEU A 51 -13.01 -8.75 0.80
CA LEU A 51 -13.11 -7.29 0.89
C LEU A 51 -14.48 -6.78 0.45
N VAL A 52 -15.02 -5.85 1.23
CA VAL A 52 -16.33 -5.28 0.93
C VAL A 52 -17.00 -4.11 1.65
N ASP A 53 -17.96 -3.50 0.99
CA ASP A 53 -18.68 -2.36 1.56
C ASP A 53 -20.08 -2.10 1.00
N VAL A 54 -20.67 -1.00 1.43
CA VAL A 54 -22.01 -0.63 0.97
C VAL A 54 -21.74 0.23 -0.26
N LEU A 55 -20.75 -0.18 -1.03
CA LEU A 55 -20.38 0.56 -2.24
C LEU A 55 -20.40 -0.49 -3.35
N GLU A 56 -20.82 -0.06 -4.53
CA GLU A 56 -20.91 -0.97 -5.68
C GLU A 56 -19.73 -0.55 -6.56
N ASP A 57 -19.73 0.73 -6.92
CA ASP A 57 -18.66 1.27 -7.77
C ASP A 57 -17.18 1.14 -7.43
N LYS A 58 -16.74 1.99 -6.51
CA LYS A 58 -15.33 1.98 -6.08
C LYS A 58 -14.96 0.49 -6.03
N LEU A 59 -15.81 -0.28 -5.37
CA LEU A 59 -15.58 -1.73 -5.23
C LEU A 59 -15.05 -2.23 -6.58
N LYS A 60 -15.94 -2.27 -7.55
CA LYS A 60 -15.57 -2.75 -8.89
C LYS A 60 -14.14 -2.26 -9.21
N GLY A 61 -14.01 -0.96 -9.34
CA GLY A 61 -12.69 -0.37 -9.65
C GLY A 61 -11.54 -0.73 -8.69
N GLU A 62 -11.80 -0.52 -7.40
CA GLU A 62 -10.78 -0.82 -6.39
C GLU A 62 -10.16 -2.21 -6.50
N MET A 63 -11.02 -3.21 -6.54
CA MET A 63 -10.55 -4.60 -6.64
C MET A 63 -9.72 -4.87 -7.90
N MET A 64 -10.16 -4.30 -9.00
CA MET A 64 -9.46 -4.49 -10.27
C MET A 64 -7.95 -4.31 -10.16
N ASP A 65 -7.55 -3.25 -9.48
CA ASP A 65 -6.12 -2.97 -9.30
C ASP A 65 -5.60 -4.09 -8.40
N LEU A 66 -6.34 -4.34 -7.33
CA LEU A 66 -5.95 -5.38 -6.37
C LEU A 66 -5.87 -6.73 -7.11
N GLN A 67 -7.01 -7.16 -7.62
CA GLN A 67 -7.08 -8.43 -8.34
C GLN A 67 -5.97 -8.61 -9.39
N HIS A 68 -5.74 -7.56 -10.16
CA HIS A 68 -4.72 -7.60 -11.20
C HIS A 68 -3.32 -7.80 -10.62
N GLY A 69 -3.02 -7.01 -9.60
CA GLY A 69 -1.71 -7.10 -8.95
C GLY A 69 -1.56 -8.61 -8.84
N SER A 70 -2.63 -9.25 -8.42
CA SER A 70 -2.63 -10.72 -8.27
C SER A 70 -1.28 -11.44 -8.38
N LEU A 71 -0.77 -11.50 -9.59
CA LEU A 71 0.52 -12.17 -9.84
C LEU A 71 1.80 -11.63 -9.21
N PHE A 72 1.67 -10.51 -8.51
CA PHE A 72 2.82 -9.88 -7.86
C PHE A 72 2.88 -10.29 -6.39
N LEU A 73 1.73 -10.61 -5.84
CA LEU A 73 1.66 -11.03 -4.43
C LEU A 73 1.03 -12.41 -4.45
N GLN A 74 1.27 -13.18 -3.40
CA GLN A 74 0.73 -14.53 -3.30
C GLN A 74 -0.46 -14.52 -2.34
N THR A 75 -1.65 -14.50 -2.92
CA THR A 75 -2.88 -14.48 -2.12
C THR A 75 -3.71 -15.04 -3.28
N PRO A 76 -4.06 -16.31 -3.16
CA PRO A 76 -4.86 -16.96 -4.21
C PRO A 76 -6.17 -16.20 -4.42
N LYS A 77 -7.08 -16.37 -3.48
CA LYS A 77 -8.38 -15.69 -3.56
C LYS A 77 -8.98 -14.51 -2.79
N ILE A 78 -9.54 -13.58 -3.53
CA ILE A 78 -10.15 -12.38 -2.92
C ILE A 78 -11.53 -12.08 -3.51
N VAL A 79 -12.53 -12.11 -2.65
CA VAL A 79 -13.91 -11.84 -3.09
C VAL A 79 -14.47 -10.43 -2.88
N ALA A 80 -15.24 -9.98 -3.85
CA ALA A 80 -15.85 -8.64 -3.77
C ALA A 80 -17.32 -8.94 -4.03
N ASN A 81 -18.17 -8.12 -3.46
CA ASN A 81 -19.63 -8.30 -3.62
C ASN A 81 -20.09 -7.38 -2.50
N LYS A 82 -21.40 -7.30 -2.33
CA LYS A 82 -21.98 -6.45 -1.29
C LYS A 82 -23.22 -6.65 -0.41
N ASP A 83 -22.98 -6.73 0.89
CA ASP A 83 -24.09 -6.94 1.84
C ASP A 83 -23.24 -7.48 2.99
N TYR A 84 -23.32 -8.78 3.18
CA TYR A 84 -22.55 -9.44 4.26
C TYR A 84 -22.68 -10.95 4.36
N SER A 85 -22.85 -11.58 3.21
CA SER A 85 -23.00 -13.04 3.17
C SER A 85 -21.61 -13.68 3.05
N VAL A 86 -20.99 -13.47 1.91
CA VAL A 86 -19.65 -14.03 1.67
C VAL A 86 -18.63 -14.05 2.80
N THR A 87 -18.06 -12.88 3.08
CA THR A 87 -17.06 -12.77 4.15
C THR A 87 -17.07 -13.79 5.29
N ALA A 88 -18.26 -14.23 5.63
CA ALA A 88 -18.41 -15.21 6.72
C ALA A 88 -17.06 -15.89 6.96
N ASN A 89 -16.69 -16.76 6.04
CA ASN A 89 -15.42 -17.47 6.15
C ASN A 89 -14.44 -16.50 6.80
N SER A 90 -14.24 -16.67 8.10
CA SER A 90 -13.33 -15.80 8.85
C SER A 90 -12.66 -15.86 10.22
N LYS A 91 -12.24 -14.71 10.70
CA LYS A 91 -11.57 -14.63 12.00
C LYS A 91 -11.52 -13.14 12.33
N ILE A 92 -10.75 -12.42 11.54
CA ILE A 92 -10.60 -10.97 11.76
C ILE A 92 -11.35 -10.12 10.73
N VAL A 93 -12.15 -9.19 11.23
CA VAL A 93 -12.93 -8.32 10.37
C VAL A 93 -12.84 -6.89 10.92
N VAL A 94 -12.80 -5.94 10.02
CA VAL A 94 -12.70 -4.52 10.42
C VAL A 94 -13.59 -3.52 9.69
N VAL A 95 -14.20 -2.63 10.46
CA VAL A 95 -15.09 -1.62 9.87
C VAL A 95 -14.69 -0.18 10.19
N THR A 96 -14.83 0.69 9.21
CA THR A 96 -14.48 2.11 9.39
C THR A 96 -15.83 2.81 9.28
N ALA A 97 -16.22 3.11 8.06
CA ALA A 97 -17.49 3.81 7.81
C ALA A 97 -17.31 5.32 7.70
N GLY A 98 -17.25 5.81 6.47
CA GLY A 98 -17.07 7.24 6.23
C GLY A 98 -17.92 8.17 7.09
N VAL A 99 -17.28 8.75 8.10
CA VAL A 99 -17.98 9.66 9.01
C VAL A 99 -16.63 10.02 9.64
N ARG A 100 -16.03 9.04 10.29
CA ARG A 100 -14.72 9.25 10.94
C ARG A 100 -14.32 10.30 11.97
N GLN A 101 -14.04 11.50 11.48
CA GLN A 101 -13.64 12.60 12.37
C GLN A 101 -14.51 13.82 12.64
N GLN A 102 -14.48 14.75 11.70
CA GLN A 102 -15.27 15.98 11.83
C GLN A 102 -14.36 17.01 11.15
N GLU A 103 -13.15 16.58 10.85
CA GLU A 103 -12.17 17.47 10.20
C GLU A 103 -11.46 18.59 10.97
N GLY A 104 -11.82 18.72 12.24
CA GLY A 104 -11.22 19.76 13.09
C GLY A 104 -10.37 19.56 14.33
N GLU A 105 -10.97 18.93 15.34
CA GLU A 105 -10.26 18.67 16.60
C GLU A 105 -10.65 17.40 17.36
N SER A 106 -11.17 17.61 18.56
CA SER A 106 -11.58 16.48 19.40
C SER A 106 -12.32 15.36 18.67
N ARG A 107 -11.64 14.25 18.48
CA ARG A 107 -12.23 13.10 17.78
C ARG A 107 -13.72 12.96 18.11
N LEU A 108 -14.51 12.66 17.10
CA LEU A 108 -15.95 12.49 17.28
C LEU A 108 -16.66 12.21 18.61
N ASN A 109 -16.82 13.25 19.40
CA ASN A 109 -17.47 13.11 20.70
C ASN A 109 -18.59 12.07 20.54
N LEU A 110 -19.31 12.17 19.44
CA LEU A 110 -20.40 11.23 19.18
C LEU A 110 -20.51 9.71 19.11
N VAL A 111 -21.71 9.23 18.87
CA VAL A 111 -21.95 7.78 18.80
C VAL A 111 -23.36 7.93 18.22
N GLN A 112 -24.00 9.01 18.60
CA GLN A 112 -25.38 9.28 18.14
C GLN A 112 -25.83 8.79 16.76
N ARG A 113 -25.44 9.54 15.73
CA ARG A 113 -25.82 9.18 14.36
C ARG A 113 -24.83 8.07 13.98
N ASN A 114 -23.93 7.79 14.91
CA ASN A 114 -22.92 6.75 14.67
C ASN A 114 -23.54 5.36 14.83
N VAL A 115 -24.27 5.19 15.92
CA VAL A 115 -24.91 3.90 16.21
C VAL A 115 -25.39 3.38 14.84
N ASN A 116 -26.13 4.22 14.15
CA ASN A 116 -26.66 3.84 12.83
C ASN A 116 -25.58 3.34 11.87
N VAL A 117 -24.66 4.22 11.53
CA VAL A 117 -23.57 3.85 10.62
C VAL A 117 -22.81 2.55 10.80
N PHE A 118 -22.62 2.18 12.06
CA PHE A 118 -21.89 0.95 12.38
C PHE A 118 -22.81 -0.28 12.39
N LYS A 119 -23.94 -0.13 13.07
CA LYS A 119 -24.92 -1.22 13.16
C LYS A 119 -25.43 -2.04 11.98
N PHE A 120 -25.96 -1.34 10.99
CA PHE A 120 -26.49 -2.00 9.79
C PHE A 120 -25.39 -2.71 9.01
N ILE A 121 -24.17 -2.54 9.46
CA ILE A 121 -23.01 -3.16 8.80
C ILE A 121 -22.64 -4.37 9.65
N ILE A 122 -22.28 -4.09 10.90
CA ILE A 122 -21.89 -5.16 11.83
C ILE A 122 -22.69 -6.41 12.21
N PRO A 123 -23.90 -6.18 12.69
CA PRO A 123 -24.76 -7.30 13.10
C PRO A 123 -24.97 -8.25 11.92
N GLN A 124 -24.55 -7.81 10.75
CA GLN A 124 -24.70 -8.62 9.54
C GLN A 124 -23.49 -9.57 9.59
N ILE A 125 -22.31 -8.99 9.44
CA ILE A 125 -21.07 -9.79 9.47
C ILE A 125 -20.93 -10.80 10.60
N VAL A 126 -21.23 -10.35 11.80
CA VAL A 126 -21.14 -11.22 12.99
C VAL A 126 -21.87 -12.55 12.92
N LYS A 127 -23.08 -12.51 12.37
CA LYS A 127 -23.89 -13.72 12.26
C LYS A 127 -23.20 -14.75 11.36
N TYR A 128 -22.76 -14.28 10.20
CA TYR A 128 -22.08 -15.17 9.24
C TYR A 128 -20.76 -15.79 9.70
N SER A 129 -20.00 -15.02 10.45
CA SER A 129 -18.71 -15.50 10.96
C SER A 129 -18.82 -15.04 12.42
N PRO A 130 -19.86 -15.50 13.08
CA PRO A 130 -20.08 -15.13 14.48
C PRO A 130 -18.87 -15.54 15.32
N ASN A 131 -17.99 -16.30 14.70
CA ASN A 131 -16.78 -16.77 15.40
C ASN A 131 -15.51 -16.00 15.02
N CYS A 132 -15.50 -14.71 15.33
CA CYS A 132 -14.35 -13.86 15.02
C CYS A 132 -14.05 -12.80 16.08
N ILE A 133 -13.20 -11.86 15.71
CA ILE A 133 -12.82 -10.78 16.63
C ILE A 133 -12.95 -9.55 15.73
N ILE A 134 -13.36 -8.45 16.32
CA ILE A 134 -13.54 -7.20 15.57
C ILE A 134 -12.66 -5.99 15.91
N ILE A 135 -12.04 -5.44 14.89
CA ILE A 135 -11.16 -4.27 15.08
C ILE A 135 -12.01 -3.05 14.72
N VAL A 136 -12.48 -2.38 15.74
CA VAL A 136 -13.32 -1.19 15.54
C VAL A 136 -12.56 0.14 15.63
N VAL A 137 -12.61 0.89 14.54
CA VAL A 137 -11.92 2.20 14.49
C VAL A 137 -12.91 3.31 14.20
N SER A 138 -12.77 4.41 14.93
CA SER A 138 -13.65 5.56 14.75
C SER A 138 -13.47 6.47 15.97
N ASN A 139 -12.63 7.48 15.79
CA ASN A 139 -12.35 8.43 16.88
C ASN A 139 -12.26 7.72 18.23
N PRO A 140 -13.17 8.07 19.12
CA PRO A 140 -13.17 7.47 20.47
C PRO A 140 -13.29 5.95 20.34
N VAL A 141 -12.16 5.31 20.20
CA VAL A 141 -12.12 3.84 20.07
C VAL A 141 -12.90 3.22 21.23
N ASP A 142 -12.59 3.69 22.43
CA ASP A 142 -13.26 3.17 23.64
C ASP A 142 -14.75 3.13 23.29
N ILE A 143 -15.37 4.29 23.32
CA ILE A 143 -16.80 4.39 23.02
C ILE A 143 -17.45 3.26 22.19
N LEU A 144 -16.90 3.03 21.02
CA LEU A 144 -17.43 1.98 20.13
C LEU A 144 -17.07 0.52 20.45
N THR A 145 -15.86 0.34 20.97
CA THR A 145 -15.40 -1.01 21.31
C THR A 145 -16.46 -1.67 22.18
N TYR A 146 -16.85 -0.97 23.24
CA TYR A 146 -17.86 -1.49 24.16
C TYR A 146 -19.24 -1.46 23.49
N VAL A 147 -19.35 -0.61 22.47
CA VAL A 147 -20.62 -0.47 21.75
C VAL A 147 -20.68 -1.71 20.86
N ALA A 148 -19.63 -1.91 20.08
CA ALA A 148 -19.55 -3.06 19.17
C ALA A 148 -19.61 -4.32 20.03
N TRP A 149 -18.63 -4.46 20.91
CA TRP A 149 -18.57 -5.63 21.79
C TRP A 149 -19.98 -5.95 22.28
N LYS A 150 -20.56 -5.01 23.01
CA LYS A 150 -21.92 -5.20 23.56
C LYS A 150 -23.06 -5.71 22.68
N LEU A 151 -23.37 -4.93 21.65
CA LEU A 151 -24.46 -5.29 20.73
C LEU A 151 -23.90 -6.51 19.99
N SER A 152 -22.60 -6.47 19.75
CA SER A 152 -21.94 -7.57 19.03
C SER A 152 -21.81 -9.00 19.55
N GLY A 153 -21.09 -9.14 20.65
CA GLY A 153 -20.88 -10.47 21.24
C GLY A 153 -19.75 -11.19 21.99
N LEU A 154 -19.43 -10.67 23.16
CA LEU A 154 -18.36 -11.25 23.98
C LEU A 154 -17.43 -10.07 24.31
N PRO A 155 -17.31 -9.79 25.59
CA PRO A 155 -16.46 -8.68 26.04
C PRO A 155 -15.03 -8.90 25.53
N LYS A 156 -14.08 -8.69 26.43
CA LYS A 156 -12.66 -8.86 26.08
C LYS A 156 -12.10 -9.98 25.19
N HIS A 157 -13.00 -10.69 24.55
CA HIS A 157 -12.60 -11.80 23.68
C HIS A 157 -12.68 -11.30 22.23
N ARG A 158 -13.73 -10.58 21.94
CA ARG A 158 -13.93 -10.04 20.59
C ARG A 158 -13.63 -8.58 20.26
N VAL A 159 -13.81 -7.73 21.26
CA VAL A 159 -13.57 -6.29 21.08
C VAL A 159 -12.21 -5.63 21.33
N ILE A 160 -11.60 -5.18 20.25
CA ILE A 160 -10.29 -4.53 20.33
C ILE A 160 -10.41 -3.17 19.63
N GLY A 161 -10.20 -2.12 20.39
CA GLY A 161 -10.29 -0.76 19.83
C GLY A 161 -9.17 -0.40 18.85
N SER A 162 -7.99 -0.16 19.40
CA SER A 162 -6.83 0.20 18.57
C SER A 162 -5.87 1.26 19.13
N GLY A 163 -6.25 2.51 18.94
CA GLY A 163 -5.42 3.63 19.42
C GLY A 163 -3.98 3.35 19.85
N CYS A 164 -3.59 3.97 20.95
CA CYS A 164 -2.23 3.80 21.48
C CYS A 164 -0.91 3.51 20.77
N ASN A 165 -0.87 2.38 20.08
CA ASN A 165 0.34 1.98 19.35
C ASN A 165 0.62 3.25 18.56
N LEU A 166 -0.41 3.76 17.93
CA LEU A 166 -0.27 4.98 17.11
C LEU A 166 0.44 6.11 17.86
N ASP A 167 -0.15 6.52 18.96
CA ASP A 167 0.42 7.61 19.78
C ASP A 167 1.86 7.32 20.20
N SER A 168 2.12 6.07 20.51
CA SER A 168 3.47 5.66 20.95
C SER A 168 4.39 6.00 19.77
N ALA A 169 4.07 5.45 18.61
CA ALA A 169 4.87 5.68 17.41
C ALA A 169 5.21 7.17 17.35
N ARG A 170 4.16 7.99 17.34
CA ARG A 170 4.36 9.45 17.28
C ARG A 170 5.31 9.82 18.41
N PHE A 171 4.91 9.48 19.63
CA PHE A 171 5.74 9.78 20.81
C PHE A 171 7.20 9.43 20.50
N ARG A 172 7.42 8.18 20.15
CA ARG A 172 8.78 7.71 19.85
C ARG A 172 9.77 8.13 18.75
N TYR A 173 9.27 8.21 17.54
CA TYR A 173 10.11 8.60 16.40
C TYR A 173 10.72 9.99 16.61
N LEU A 174 9.86 11.00 16.57
CA LEU A 174 10.31 12.38 16.75
C LEU A 174 11.30 12.40 17.92
N MET A 175 10.77 12.19 19.11
CA MET A 175 11.61 12.18 20.31
C MET A 175 12.95 11.49 20.04
N GLY A 176 12.88 10.23 19.67
CA GLY A 176 14.10 9.46 19.38
C GLY A 176 14.99 10.32 18.48
N GLU A 177 14.46 10.69 17.34
CA GLU A 177 15.23 11.50 16.38
C GLU A 177 15.82 12.73 17.09
N LYS A 178 15.01 13.37 17.89
CA LYS A 178 15.45 14.57 18.62
C LYS A 178 16.61 14.06 19.50
N LEU A 179 16.31 13.05 20.29
CA LEU A 179 17.31 12.46 21.18
C LEU A 179 18.59 12.29 20.35
N GLY A 180 18.47 11.52 19.29
CA GLY A 180 19.62 11.27 18.41
C GLY A 180 19.89 9.76 18.51
N VAL A 181 19.01 8.99 17.91
CA VAL A 181 19.15 7.52 17.94
C VAL A 181 18.65 6.54 16.87
N HIS A 182 18.06 5.45 17.33
CA HIS A 182 17.55 4.43 16.42
C HIS A 182 16.05 4.15 16.23
N PRO A 183 15.71 3.74 15.03
CA PRO A 183 14.30 3.43 14.71
C PRO A 183 13.77 2.36 15.67
N SER A 184 14.29 1.17 15.52
CA SER A 184 13.88 0.04 16.37
C SER A 184 13.85 -0.25 17.87
N SER A 185 14.93 0.09 18.54
CA SER A 185 15.02 -0.14 19.99
C SER A 185 14.33 1.05 20.66
N CYS A 186 14.90 1.49 21.76
CA CYS A 186 14.33 2.62 22.51
C CYS A 186 12.87 2.52 22.97
N HIS A 187 12.59 3.11 24.11
CA HIS A 187 11.23 3.07 24.66
C HIS A 187 10.43 3.87 25.69
N GLY A 188 9.12 3.83 25.55
CA GLY A 188 8.25 4.57 26.47
C GLY A 188 6.82 4.85 26.02
N TRP A 189 5.87 4.60 26.91
CA TRP A 189 4.45 4.83 26.59
C TRP A 189 3.40 5.88 26.96
N ILE A 190 2.20 5.69 26.43
CA ILE A 190 1.11 6.63 26.70
C ILE A 190 -0.08 5.81 27.22
N LEU A 191 -1.00 6.50 27.87
CA LEU A 191 -2.20 5.84 28.42
C LEU A 191 -3.46 6.66 28.16
N GLY A 192 -4.59 5.99 28.25
CA GLY A 192 -5.88 6.65 28.02
C GLY A 192 -6.78 6.57 26.80
N GLU A 193 -6.82 7.66 26.04
CA GLU A 193 -7.65 7.70 24.83
C GLU A 193 -7.15 8.07 23.43
N HIS A 194 -7.29 9.34 23.09
CA HIS A 194 -6.86 9.82 21.77
C HIS A 194 -7.05 11.33 21.76
N GLY A 195 -5.98 12.04 22.07
CA GLY A 195 -6.04 13.51 22.10
C GLY A 195 -6.92 14.31 23.06
N ASP A 196 -6.42 15.46 23.47
CA ASP A 196 -7.16 16.33 24.39
C ASP A 196 -7.09 15.67 25.77
N SER A 197 -5.90 15.16 26.09
CA SER A 197 -5.69 14.50 27.38
C SER A 197 -4.49 13.60 27.13
N SER A 198 -4.67 12.63 26.26
CA SER A 198 -3.59 11.70 25.92
C SER A 198 -2.45 11.91 26.92
N VAL A 199 -2.32 10.99 27.86
CA VAL A 199 -1.29 11.08 28.88
C VAL A 199 -0.13 10.08 28.76
N ALA A 200 1.08 10.60 28.69
CA ALA A 200 2.27 9.76 28.57
C ALA A 200 2.86 9.33 29.91
N VAL A 201 3.74 8.34 29.85
CA VAL A 201 4.38 7.83 31.06
C VAL A 201 5.84 8.27 30.86
N TRP A 202 6.33 9.07 31.78
CA TRP A 202 7.70 9.57 31.70
C TRP A 202 8.40 8.65 32.71
N SER A 203 7.59 7.86 33.40
CA SER A 203 8.13 6.93 34.41
C SER A 203 8.95 5.75 33.90
N GLY A 204 8.90 5.55 32.59
CA GLY A 204 9.65 4.45 31.96
C GLY A 204 10.38 4.77 30.66
N VAL A 205 10.26 6.00 30.21
CA VAL A 205 10.91 6.43 28.97
C VAL A 205 12.42 6.13 29.08
N ASN A 206 12.89 5.29 28.19
CA ASN A 206 14.32 4.92 28.18
C ASN A 206 14.91 4.75 26.78
N VAL A 207 16.20 4.48 26.75
CA VAL A 207 16.91 4.31 25.47
C VAL A 207 17.79 3.09 25.24
N ALA A 208 17.48 2.34 24.20
CA ALA A 208 18.25 1.13 23.86
C ALA A 208 18.99 0.56 25.07
N GLY A 209 18.26 0.35 26.14
CA GLY A 209 18.86 -0.19 27.37
C GLY A 209 17.50 -0.69 27.85
N VAL A 210 16.84 0.12 28.66
CA VAL A 210 15.53 -0.24 29.19
C VAL A 210 16.14 0.12 30.55
N VAL A 211 17.03 1.09 30.53
CA VAL A 211 17.70 1.53 31.77
C VAL A 211 16.87 2.70 32.25
N LEU A 212 17.47 3.88 32.23
CA LEU A 212 16.78 5.10 32.67
C LEU A 212 17.27 6.46 32.19
N GLN A 213 16.34 7.25 31.69
CA GLN A 213 16.68 8.59 31.18
C GLN A 213 16.25 9.60 32.25
N GLN A 214 15.61 9.09 33.28
CA GLN A 214 15.12 9.94 34.37
C GLN A 214 16.32 10.35 35.24
N LEU A 215 17.09 9.36 35.64
CA LEU A 215 18.27 9.61 36.47
C LEU A 215 19.11 10.70 35.83
N ASN A 216 19.19 10.66 34.52
CA ASN A 216 19.97 11.65 33.77
C ASN A 216 19.44 13.05 33.43
N PRO A 217 18.68 13.13 32.36
CA PRO A 217 18.10 14.41 31.92
C PRO A 217 17.26 15.01 33.05
N GLU A 218 17.44 14.47 34.24
CA GLU A 218 16.69 14.94 35.41
C GLU A 218 15.27 15.44 35.61
N MET A 219 14.33 14.51 35.65
CA MET A 219 12.92 14.87 35.83
C MET A 219 11.97 15.92 35.24
N GLY A 220 11.69 16.93 36.04
CA GLY A 220 10.79 18.01 35.61
C GLY A 220 10.36 18.26 34.16
N THR A 221 9.10 18.59 33.99
CA THR A 221 8.55 18.85 32.65
C THR A 221 7.76 20.16 32.57
N ASP A 222 8.41 21.18 32.04
CA ASP A 222 7.75 22.50 31.91
C ASP A 222 8.56 23.48 32.74
N ASN A 223 9.50 22.95 33.50
CA ASN A 223 10.35 23.80 34.36
C ASN A 223 11.72 23.32 33.88
N ASP A 224 12.09 23.77 32.70
CA ASP A 224 13.38 23.38 32.11
C ASP A 224 13.64 23.90 30.69
N SER A 225 12.59 24.46 30.10
CA SER A 225 12.70 24.98 28.74
C SER A 225 12.69 23.99 27.56
N GLU A 226 13.73 23.20 27.48
CA GLU A 226 13.85 22.20 26.40
C GLU A 226 12.39 21.93 26.02
N ASN A 227 11.58 21.70 27.04
CA ASN A 227 10.16 21.42 26.82
C ASN A 227 9.64 20.00 26.54
N TRP A 228 10.00 19.09 27.43
CA TRP A 228 9.59 17.68 27.28
C TRP A 228 8.08 17.89 27.06
N LYS A 229 7.46 18.57 28.00
CA LYS A 229 6.02 18.83 27.91
C LYS A 229 5.58 19.22 26.50
N GLU A 230 6.14 20.32 26.02
CA GLU A 230 5.80 20.82 24.68
C GLU A 230 5.85 19.63 23.71
N VAL A 231 6.87 18.82 23.87
CA VAL A 231 7.05 17.64 23.00
C VAL A 231 5.83 16.75 22.75
N HIS A 232 5.23 16.29 23.84
CA HIS A 232 4.04 15.43 23.74
C HIS A 232 2.81 16.18 23.24
N LYS A 233 2.76 17.46 23.57
CA LYS A 233 1.62 18.30 23.16
C LYS A 233 1.76 18.33 21.65
N MET A 234 2.88 18.86 21.19
CA MET A 234 3.13 18.95 19.75
C MET A 234 2.58 17.69 19.07
N VAL A 235 2.95 16.55 19.61
CA VAL A 235 2.50 15.27 19.07
C VAL A 235 0.98 15.19 18.90
N VAL A 236 0.27 15.53 19.96
CA VAL A 236 -1.20 15.50 19.93
C VAL A 236 -1.52 16.38 18.73
N GLU A 237 -0.91 17.54 18.68
CA GLU A 237 -1.14 18.48 17.57
C GLU A 237 -0.79 17.67 16.31
N SER A 238 0.36 17.03 16.36
CA SER A 238 0.81 16.23 15.22
C SER A 238 -0.32 15.36 14.68
N ALA A 239 -0.96 14.63 15.58
CA ALA A 239 -2.07 13.76 15.19
C ALA A 239 -3.11 14.74 14.65
N TYR A 240 -3.30 15.81 15.40
CA TYR A 240 -4.28 16.84 15.00
C TYR A 240 -4.34 17.57 13.65
N GLU A 241 -3.75 18.74 13.61
CA GLU A 241 -3.74 19.54 12.37
C GLU A 241 -3.75 18.85 11.01
N VAL A 242 -2.57 18.40 10.60
CA VAL A 242 -2.44 17.73 9.29
C VAL A 242 -3.89 17.65 8.80
N ILE A 243 -4.49 18.81 8.63
CA ILE A 243 -5.88 18.88 8.15
C ILE A 243 -5.80 19.09 6.65
N LYS A 244 -4.64 19.53 6.20
CA LYS A 244 -4.42 19.79 4.77
C LYS A 244 -4.62 18.43 4.07
N LEU A 245 -3.95 17.42 4.60
CA LEU A 245 -4.04 16.07 4.02
C LEU A 245 -4.51 15.10 5.10
N LYS A 246 -5.55 14.34 4.77
CA LYS A 246 -6.10 13.36 5.72
C LYS A 246 -5.92 11.85 5.65
N GLY A 247 -6.32 11.29 4.54
CA GLY A 247 -6.20 9.83 4.34
C GLY A 247 -4.79 9.27 4.44
N TYR A 248 -3.87 10.10 4.92
CA TYR A 248 -2.47 9.68 5.05
C TYR A 248 -2.44 9.39 6.55
N THR A 249 -3.53 9.74 7.22
CA THR A 249 -3.62 9.51 8.67
C THR A 249 -3.75 8.03 8.32
N ASN A 250 -4.59 7.75 7.34
CA ASN A 250 -4.81 6.37 6.91
C ASN A 250 -3.58 5.50 6.62
N TRP A 251 -2.70 6.02 5.80
CA TRP A 251 -1.48 5.28 5.44
C TRP A 251 -1.07 4.64 6.76
N ALA A 252 -0.49 5.47 7.63
CA ALA A 252 -0.04 4.99 8.94
C ALA A 252 -1.10 4.28 9.79
N ILE A 253 -2.27 4.90 9.86
CA ILE A 253 -3.37 4.34 10.64
C ILE A 253 -3.44 2.87 10.23
N GLY A 254 -3.79 2.66 8.97
CA GLY A 254 -3.89 1.30 8.44
C GLY A 254 -2.64 0.46 8.71
N LEU A 255 -1.49 1.06 8.46
CA LEU A 255 -0.22 0.37 8.67
C LEU A 255 -0.33 -0.18 10.09
N SER A 256 -0.51 0.72 11.04
CA SER A 256 -0.62 0.33 12.46
C SER A 256 -1.60 -0.83 12.63
N VAL A 257 -2.79 -0.66 12.07
CA VAL A 257 -3.83 -1.69 12.17
C VAL A 257 -3.28 -3.01 11.60
N ALA A 258 -2.52 -2.89 10.53
CA ALA A 258 -1.94 -4.07 9.88
C ALA A 258 -1.02 -4.72 10.92
N ASP A 259 -0.21 -3.90 11.55
CA ASP A 259 0.72 -4.40 12.56
C ASP A 259 -0.09 -5.15 13.62
N LEU A 260 -1.11 -4.50 14.12
CA LEU A 260 -1.97 -5.11 15.15
C LEU A 260 -2.52 -6.45 14.68
N ILE A 261 -3.24 -6.41 13.58
CA ILE A 261 -3.84 -7.64 13.02
C ILE A 261 -2.76 -8.71 12.87
N GLU A 262 -1.64 -8.31 12.29
CA GLU A 262 -0.53 -9.25 12.07
C GLU A 262 -0.38 -9.82 13.48
N SER A 263 -0.05 -8.96 14.41
CA SER A 263 0.12 -9.39 15.81
C SER A 263 -0.97 -10.33 16.29
N MET A 264 -2.21 -9.90 16.15
CA MET A 264 -3.36 -10.71 16.58
C MET A 264 -3.58 -11.99 15.77
N LEU A 265 -3.63 -11.82 14.46
CA LEU A 265 -3.84 -12.98 13.56
C LEU A 265 -2.95 -14.17 13.88
N LYS A 266 -1.65 -13.92 13.87
CA LYS A 266 -0.67 -14.99 14.15
C LYS A 266 -0.52 -15.61 15.54
N ASN A 267 -0.88 -14.83 16.55
CA ASN A 267 -0.77 -15.30 17.94
C ASN A 267 0.53 -15.17 18.74
N LEU A 268 1.20 -14.05 18.52
CA LEU A 268 2.47 -13.79 19.22
C LEU A 268 2.61 -13.60 20.73
N SER A 269 1.48 -13.42 21.38
CA SER A 269 1.46 -13.23 22.84
C SER A 269 2.56 -12.17 22.85
N ARG A 270 2.14 -10.92 22.76
CA ARG A 270 3.10 -9.80 22.75
C ARG A 270 2.82 -8.61 23.66
N ILE A 271 2.17 -7.60 23.12
CA ILE A 271 1.86 -6.39 23.89
C ILE A 271 1.44 -5.28 22.93
N HIS A 272 0.31 -4.66 23.24
CA HIS A 272 -0.21 -3.57 22.40
C HIS A 272 -1.33 -2.85 23.14
N PRO A 273 -1.27 -1.53 23.12
CA PRO A 273 -2.28 -0.71 23.80
C PRO A 273 -3.67 -1.06 23.26
N VAL A 274 -4.33 -0.05 22.72
CA VAL A 274 -5.67 -0.23 22.16
C VAL A 274 -7.06 -0.50 22.76
N SER A 275 -7.20 -0.15 24.02
CA SER A 275 -8.49 -0.35 24.72
C SER A 275 -9.33 -1.63 24.64
N THR A 276 -9.39 -2.33 25.76
CA THR A 276 -10.17 -3.59 25.82
C THR A 276 -10.97 -3.53 27.12
N MET A 277 -10.61 -4.39 28.05
CA MET A 277 -11.30 -4.45 29.34
C MET A 277 -10.43 -3.58 30.24
N VAL A 278 -10.98 -3.21 31.38
CA VAL A 278 -10.24 -2.36 32.34
C VAL A 278 -10.78 -3.04 33.60
N GLN A 279 -10.21 -4.20 33.90
CA GLN A 279 -10.62 -4.96 35.09
C GLN A 279 -9.52 -5.89 35.58
N GLY A 280 -8.34 -5.73 35.00
CA GLY A 280 -7.20 -6.57 35.38
C GLY A 280 -7.26 -6.67 36.91
N MET A 281 -7.01 -5.54 37.56
CA MET A 281 -7.03 -5.50 39.03
C MET A 281 -6.36 -4.15 39.29
N TYR A 282 -7.00 -3.10 38.78
CA TYR A 282 -6.47 -1.74 38.96
C TYR A 282 -7.81 -1.06 38.79
N GLY A 283 -8.77 -1.49 39.60
CA GLY A 283 -10.12 -0.91 39.54
C GLY A 283 -10.41 0.42 38.83
N ILE A 284 -11.35 0.38 37.91
CA ILE A 284 -11.72 1.58 37.14
C ILE A 284 -13.22 1.87 37.14
N GLU A 285 -13.57 3.05 37.63
CA GLU A 285 -14.98 3.46 37.68
C GLU A 285 -16.23 3.10 36.87
N ASN A 286 -16.57 1.82 36.89
CA ASN A 286 -17.74 1.35 36.15
C ASN A 286 -17.41 0.43 34.97
N GLU A 287 -18.19 0.58 33.91
CA GLU A 287 -17.98 -0.25 32.71
C GLU A 287 -16.48 0.00 32.55
N VAL A 288 -16.11 1.27 32.53
CA VAL A 288 -14.69 1.64 32.38
C VAL A 288 -14.22 2.06 30.99
N PHE A 289 -13.80 1.09 30.21
CA PHE A 289 -13.30 1.37 28.86
C PHE A 289 -12.18 2.37 28.63
N LEU A 290 -11.22 1.97 27.81
CA LEU A 290 -10.07 2.84 27.51
C LEU A 290 -8.95 1.85 27.17
N SER A 291 -7.74 2.39 27.06
CA SER A 291 -6.57 1.56 26.75
C SER A 291 -5.81 0.72 27.76
N LEU A 292 -4.51 0.95 27.82
CA LEU A 292 -3.64 0.21 28.75
C LEU A 292 -2.97 -0.87 27.91
N PRO A 293 -1.65 -0.89 27.97
CA PRO A 293 -0.86 -1.87 27.20
C PRO A 293 -1.31 -3.28 27.56
N CYS A 294 -1.53 -4.08 26.54
CA CYS A 294 -1.97 -5.48 26.75
C CYS A 294 -1.46 -6.44 25.68
N VAL A 295 -1.64 -7.72 25.95
CA VAL A 295 -1.19 -8.76 25.00
C VAL A 295 -2.26 -9.50 24.21
N LEU A 296 -2.11 -9.47 22.89
CA LEU A 296 -3.08 -10.14 22.00
C LEU A 296 -2.71 -11.48 21.37
N ASN A 297 -3.71 -12.31 21.19
CA ASN A 297 -3.49 -13.64 20.58
C ASN A 297 -4.67 -14.47 20.07
N ALA A 298 -4.36 -15.67 19.61
CA ALA A 298 -5.40 -16.57 19.09
C ALA A 298 -6.90 -16.38 18.87
N ARG A 299 -7.53 -15.74 19.83
CA ARG A 299 -8.98 -15.49 19.75
C ARG A 299 -9.29 -14.01 19.95
N GLY A 300 -8.31 -13.29 20.47
CA GLY A 300 -8.48 -11.85 20.72
C GLY A 300 -7.33 -11.66 21.72
N LEU A 301 -7.66 -11.06 22.85
CA LEU A 301 -6.66 -10.81 23.89
C LEU A 301 -6.66 -11.65 25.17
N THR A 302 -5.50 -11.76 25.77
CA THR A 302 -5.36 -12.55 27.01
C THR A 302 -4.37 -11.73 27.86
N SER A 303 -4.92 -10.98 28.79
CA SER A 303 -4.09 -10.13 29.66
C SER A 303 -3.65 -8.70 29.37
N VAL A 304 -4.00 -7.80 30.28
CA VAL A 304 -3.64 -6.40 30.13
C VAL A 304 -2.61 -6.06 31.20
N ILE A 305 -1.77 -5.08 30.91
CA ILE A 305 -0.73 -4.67 31.85
C ILE A 305 -0.95 -3.44 32.75
N ASN A 306 -1.37 -3.72 33.97
CA ASN A 306 -1.63 -2.64 34.94
C ASN A 306 -0.83 -1.77 35.91
N GLN A 307 -0.58 -0.55 35.50
CA GLN A 307 0.19 0.40 36.34
C GLN A 307 0.92 1.71 36.09
N LYS A 308 1.19 2.43 37.17
CA LYS A 308 1.89 3.71 37.07
C LYS A 308 2.34 4.40 38.36
N LEU A 309 2.72 5.65 38.23
CA LEU A 309 3.17 6.43 39.39
C LEU A 309 1.72 6.79 39.71
N LYS A 310 1.56 7.85 40.47
CA LYS A 310 0.21 8.31 40.86
C LYS A 310 0.13 9.83 41.02
N ASP A 311 1.07 10.51 40.37
CA ASP A 311 1.10 11.98 40.44
C ASP A 311 0.30 12.87 39.50
N ASP A 312 -1.00 12.90 39.73
CA ASP A 312 -1.90 13.72 38.90
C ASP A 312 -2.08 13.02 37.55
N GLU A 313 -0.97 12.60 36.98
CA GLU A 313 -1.00 11.92 35.68
C GLU A 313 -1.99 10.77 35.87
N VAL A 314 -1.87 10.12 37.01
CA VAL A 314 -2.75 8.99 37.33
C VAL A 314 -4.16 9.55 37.11
N ALA A 315 -4.46 10.61 37.81
CA ALA A 315 -5.78 11.25 37.70
C ALA A 315 -6.03 11.65 36.25
N GLN A 316 -5.04 12.29 35.65
CA GLN A 316 -5.15 12.72 34.25
C GLN A 316 -5.81 11.53 33.56
N LEU A 317 -5.05 10.46 33.46
CA LEU A 317 -5.56 9.24 32.81
C LEU A 317 -6.96 8.89 33.32
N LYS A 318 -7.02 8.59 34.61
CA LYS A 318 -8.31 8.23 35.25
C LYS A 318 -9.53 9.08 34.86
N ASN A 319 -9.52 10.32 35.30
CA ASN A 319 -10.63 11.23 35.02
C ASN A 319 -11.29 11.43 33.65
N SER A 320 -10.47 11.36 32.61
CA SER A 320 -10.97 11.54 31.24
C SER A 320 -12.10 10.54 30.99
N ALA A 321 -11.75 9.27 31.03
CA ALA A 321 -12.74 8.21 30.79
C ALA A 321 -14.03 8.59 31.52
N ASP A 322 -13.92 8.77 32.83
CA ASP A 322 -15.07 9.14 33.65
C ASP A 322 -15.96 10.25 33.09
N THR A 323 -15.40 11.44 33.03
CA THR A 323 -16.15 12.59 32.51
C THR A 323 -17.07 12.44 31.30
N LEU A 324 -16.62 11.62 30.36
CA LEU A 324 -17.41 11.39 29.14
C LEU A 324 -18.58 10.42 29.36
N TRP A 325 -18.27 9.29 29.98
CA TRP A 325 -19.30 8.28 30.25
C TRP A 325 -20.30 9.15 31.00
N GLY A 326 -19.80 9.85 32.01
CA GLY A 326 -20.67 10.73 32.82
C GLY A 326 -21.78 11.27 31.93
N ILE A 327 -21.38 12.08 30.97
CA ILE A 327 -22.36 12.67 30.04
C ILE A 327 -22.90 11.63 29.06
N GLN A 328 -22.02 10.76 28.61
CA GLN A 328 -22.41 9.71 27.67
C GLN A 328 -23.63 8.98 28.22
N LYS A 329 -23.56 8.63 29.49
CA LYS A 329 -24.66 7.92 30.14
C LYS A 329 -25.88 8.33 29.31
N ASP A 330 -26.28 9.59 29.47
CA ASP A 330 -27.44 10.11 28.73
C ASP A 330 -27.38 9.82 27.23
N LEU A 331 -26.37 10.39 26.58
CA LEU A 331 -26.20 10.18 25.14
C LEU A 331 -26.24 8.75 24.61
N LYS A 332 -25.90 7.83 25.48
CA LYS A 332 -25.89 6.40 25.10
C LYS A 332 -27.21 5.64 25.21
N ASP A 333 -27.66 5.13 24.08
CA ASP A 333 -28.92 4.37 24.04
C ASP A 333 -29.70 4.01 22.78
N LEU A 334 -29.19 3.02 22.07
CA LEU A 334 -29.82 2.57 20.83
C LEU A 334 -31.19 1.87 20.77
C ACE B 1 30.19 13.62 31.40
O ACE B 1 30.10 12.64 30.65
CH3 ACE B 1 31.56 14.13 31.86
N ALA B 2 29.16 14.29 31.85
CA ALA B 2 27.79 13.89 31.50
C ALA B 2 26.94 15.14 31.25
N THR B 3 25.74 14.93 30.76
CA THR B 3 24.82 16.04 30.46
C THR B 3 24.09 15.77 29.14
N LEU B 4 24.84 15.87 28.05
CA LEU B 4 24.27 15.64 26.72
C LEU B 4 23.06 14.72 26.57
N LYS B 5 22.97 13.74 27.44
CA LYS B 5 21.86 12.78 27.41
C LYS B 5 22.40 11.42 27.84
N GLU B 6 22.52 10.53 26.87
CA GLU B 6 23.02 9.17 27.15
C GLU B 6 24.28 8.48 26.63
N LYS B 7 25.28 8.40 27.49
CA LYS B 7 26.55 7.77 27.11
C LYS B 7 27.19 7.83 25.73
N LEU B 8 28.35 8.47 25.67
CA LEU B 8 29.07 8.62 24.39
C LEU B 8 28.56 9.86 23.65
N ILE B 9 29.23 10.17 22.56
CA ILE B 9 28.86 11.35 21.76
C ILE B 9 29.20 11.58 20.29
N ALA B 10 28.46 10.91 19.42
CA ALA B 10 28.70 11.04 17.98
C ALA B 10 29.85 10.13 17.49
N PRO B 11 31.06 10.61 17.70
CA PRO B 11 32.24 9.85 17.28
C PRO B 11 32.23 8.46 17.95
N VAL B 12 33.38 8.08 18.48
CA VAL B 12 33.50 6.77 19.15
C VAL B 12 33.40 5.71 18.06
N ALA B 13 34.46 5.58 17.29
CA ALA B 13 34.49 4.59 16.21
C ALA B 13 34.87 5.30 14.89
N GLN B 14 33.87 5.54 14.07
CA GLN B 14 34.10 6.20 12.78
C GLN B 14 33.80 7.67 13.06
N GLN B 15 32.59 8.08 12.72
CA GLN B 15 32.17 9.47 12.93
C GLN B 15 31.05 10.19 12.19
N GLU B 16 31.25 11.46 11.93
CA GLU B 16 30.25 12.27 11.22
C GLU B 16 30.17 11.92 9.73
N THR B 17 29.00 11.46 9.31
CA THR B 17 28.79 11.09 7.91
C THR B 17 27.36 10.57 7.95
N THR B 18 26.89 10.09 6.83
CA THR B 18 25.52 9.55 6.73
C THR B 18 25.56 8.90 5.35
N ILE B 19 26.03 7.67 5.31
CA ILE B 19 26.12 6.94 4.03
C ILE B 19 25.23 5.72 3.75
N PRO B 20 24.13 5.98 3.07
CA PRO B 20 23.19 4.90 2.73
C PRO B 20 23.92 3.82 1.92
N ASP B 21 24.00 4.05 0.62
CA ASP B 21 24.67 3.08 -0.27
C ASP B 21 23.28 2.93 -0.88
N ASN B 22 23.21 3.12 -2.18
CA ASN B 22 21.92 3.00 -2.89
C ASN B 22 20.89 4.08 -3.18
N LYS B 23 19.82 4.08 -2.41
CA LYS B 23 18.74 5.06 -2.58
C LYS B 23 17.80 5.24 -3.77
N ILE B 24 16.56 5.60 -3.46
CA ILE B 24 15.54 5.78 -4.51
C ILE B 24 14.40 6.79 -4.38
N THR B 25 13.72 7.02 -5.48
CA THR B 25 12.60 7.97 -5.50
C THR B 25 11.37 8.06 -6.40
N VAL B 26 10.32 8.66 -5.87
CA VAL B 26 9.07 8.82 -6.63
C VAL B 26 8.51 10.23 -6.77
N VAL B 27 8.06 10.54 -7.98
CA VAL B 27 7.51 11.87 -8.25
C VAL B 27 5.98 11.67 -8.30
N GLY B 28 5.55 10.54 -7.78
CA GLY B 28 4.11 10.23 -7.77
C GLY B 28 4.06 10.10 -6.24
N VAL B 29 3.92 11.23 -5.58
CA VAL B 29 3.86 11.25 -4.11
C VAL B 29 2.37 10.98 -3.94
N GLY B 30 1.64 11.14 -5.03
CA GLY B 30 0.18 10.91 -5.00
C GLY B 30 -0.19 9.45 -5.21
N GLN B 31 -1.37 9.23 -5.75
CA GLN B 31 -1.86 7.87 -5.99
C GLN B 31 -0.77 6.86 -6.39
N VAL B 32 -0.44 6.86 -7.67
CA VAL B 32 0.59 5.94 -8.18
C VAL B 32 1.70 6.07 -7.14
N GLY B 33 2.12 7.30 -6.89
CA GLY B 33 3.19 7.56 -5.93
C GLY B 33 3.01 6.71 -4.68
N MET B 34 1.98 7.04 -3.91
CA MET B 34 1.69 6.30 -2.67
C MET B 34 1.57 4.79 -2.89
N ALA B 35 0.82 4.43 -3.92
CA ALA B 35 0.62 3.01 -4.25
C ALA B 35 2.06 2.51 -4.34
N CYS B 36 2.83 3.17 -5.18
CA CYS B 36 4.24 2.78 -5.37
C CYS B 36 4.88 2.72 -3.98
N ALA B 37 4.90 3.87 -3.32
CA ALA B 37 5.48 3.96 -1.97
C ALA B 37 5.21 2.76 -1.07
N ILE B 38 3.94 2.44 -0.91
CA ILE B 38 3.54 1.31 -0.05
C ILE B 38 4.25 0.03 -0.52
N SER B 39 3.91 -0.39 -1.72
CA SER B 39 4.51 -1.61 -2.28
C SER B 39 6.00 -1.55 -1.90
N ILE B 40 6.64 -0.48 -2.31
CA ILE B 40 8.08 -0.31 -2.00
C ILE B 40 8.51 -0.24 -0.54
N LEU B 41 7.83 0.60 0.22
CA LEU B 41 8.16 0.76 1.64
C LEU B 41 7.87 -0.59 2.30
N GLY B 42 6.96 -1.33 1.71
CA GLY B 42 6.58 -2.64 2.24
C GLY B 42 7.37 -3.92 1.92
N LYS B 43 7.58 -4.14 0.64
CA LYS B 43 8.33 -5.33 0.19
C LYS B 43 9.66 -5.52 0.92
N SER B 44 10.66 -4.77 0.49
CA SER B 44 11.99 -4.87 1.10
C SER B 44 12.94 -4.32 0.02
N LEU B 45 13.30 -3.06 0.17
CA LEU B 45 14.20 -2.42 -0.79
C LEU B 45 15.04 -1.21 -0.37
N THR B 46 14.51 -0.46 0.59
CA THR B 46 15.21 0.73 1.08
C THR B 46 16.42 0.64 2.02
N ASP B 47 17.55 1.12 1.55
CA ASP B 47 18.78 1.08 2.34
C ASP B 47 18.63 2.58 2.56
N GLU B 48 17.96 3.23 1.63
CA GLU B 48 17.75 4.69 1.71
C GLU B 48 16.71 5.17 0.70
N LEU B 49 15.70 5.83 1.21
CA LEU B 49 14.63 6.35 0.35
C LEU B 49 14.11 7.78 0.28
N ALA B 50 13.97 8.29 -0.93
CA ALA B 50 13.48 9.66 -1.13
C ALA B 50 12.15 9.79 -1.87
N LEU B 51 11.35 10.75 -1.43
CA LEU B 51 10.04 10.98 -2.05
C LEU B 51 9.76 12.47 -2.24
N VAL B 52 9.25 12.81 -3.41
CA VAL B 52 8.94 14.21 -3.72
C VAL B 52 8.21 14.71 -4.98
N ASP B 53 7.67 15.91 -4.87
CA ASP B 53 6.94 16.52 -6.00
C ASP B 53 6.86 18.04 -6.00
N VAL B 54 6.10 18.56 -6.94
CA VAL B 54 5.94 20.02 -7.05
C VAL B 54 4.71 20.31 -6.18
N LEU B 55 4.64 19.61 -5.06
CA LEU B 55 3.51 19.77 -4.14
C LEU B 55 4.18 20.06 -2.79
N GLU B 56 3.54 20.92 -2.01
CA GLU B 56 4.06 21.29 -0.69
C GLU B 56 3.14 20.56 0.29
N ASP B 57 1.85 20.84 0.16
CA ASP B 57 0.86 20.21 1.04
C ASP B 57 0.74 18.70 1.21
N LYS B 58 0.12 18.07 0.22
CA LYS B 58 -0.07 16.62 0.26
C LYS B 58 1.24 16.07 0.83
N LEU B 59 2.34 16.54 0.27
CA LEU B 59 3.66 16.09 0.73
C LEU B 59 3.63 16.02 2.26
N LYS B 60 3.57 17.17 2.88
CA LYS B 60 3.54 17.25 4.35
C LYS B 60 2.68 16.10 4.87
N GLY B 61 1.40 16.17 4.57
CA GLY B 61 0.46 15.13 5.01
C GLY B 61 0.80 13.69 4.62
N GLU B 62 1.05 13.49 3.34
CA GLU B 62 1.38 12.15 2.83
C GLU B 62 2.50 11.45 3.59
N MET B 63 3.62 12.14 3.74
CA MET B 63 4.78 11.57 4.45
C MET B 63 4.47 11.21 5.91
N MET B 64 3.72 12.08 6.56
CA MET B 64 3.35 11.85 7.97
C MET B 64 2.88 10.42 8.24
N ASP B 65 2.00 9.94 7.39
CA ASP B 65 1.46 8.59 7.55
C ASP B 65 2.65 7.66 7.28
N LEU B 66 3.35 7.94 6.19
CA LEU B 66 4.51 7.12 5.83
C LEU B 66 5.53 7.14 6.98
N GLN B 67 6.05 8.33 7.25
CA GLN B 67 7.03 8.48 8.33
C GLN B 67 6.65 7.80 9.64
N HIS B 68 5.39 7.99 10.02
CA HIS B 68 4.89 7.40 11.27
C HIS B 68 4.92 5.87 11.22
N GLY B 69 4.41 5.34 10.13
CA GLY B 69 4.38 3.87 9.96
C GLY B 69 5.78 3.52 10.43
N SER B 70 6.75 4.29 9.98
CA SER B 70 8.15 4.06 10.36
C SER B 70 8.48 2.76 11.10
N LEU B 71 8.06 2.69 12.35
CA LEU B 71 8.32 1.51 13.18
C LEU B 71 7.71 0.16 12.80
N PHE B 72 6.90 0.18 11.76
CA PHE B 72 6.24 -1.04 11.29
C PHE B 72 7.04 -1.67 10.14
N LEU B 73 7.76 -0.83 9.43
CA LEU B 73 8.57 -1.31 8.30
C LEU B 73 10.00 -0.88 8.62
N GLN B 74 10.95 -1.57 8.03
CA GLN B 74 12.37 -1.26 8.25
C GLN B 74 12.91 -0.49 7.05
N THR B 75 13.00 0.81 7.21
CA THR B 75 13.49 1.67 6.13
C THR B 75 13.87 2.79 7.11
N PRO B 76 15.15 2.93 7.36
CA PRO B 76 15.64 3.95 8.29
C PRO B 76 15.17 5.33 7.83
N LYS B 77 15.81 5.82 6.78
CA LYS B 77 15.47 7.15 6.24
C LYS B 77 14.73 7.57 4.97
N ILE B 78 13.78 8.47 5.14
CA ILE B 78 12.99 8.96 4.00
C ILE B 78 12.85 10.49 4.01
N VAL B 79 13.36 11.11 2.97
CA VAL B 79 13.30 12.58 2.86
C VAL B 79 12.18 13.19 2.02
N ALA B 80 11.66 14.30 2.49
CA ALA B 80 10.58 15.00 1.78
C ALA B 80 11.11 16.42 1.69
N ASN B 81 10.72 17.12 0.63
CA ASN B 81 11.16 18.50 0.43
C ASN B 81 10.75 18.64 -1.04
N LYS B 82 11.02 19.82 -1.59
CA LYS B 82 10.68 20.09 -3.00
C LYS B 82 11.40 20.90 -4.06
N ASP B 83 11.80 20.23 -5.12
CA ASP B 83 12.52 20.88 -6.21
C ASP B 83 13.16 19.63 -6.80
N TYR B 84 14.45 19.47 -6.55
CA TYR B 84 15.20 18.31 -7.05
C TYR B 84 16.67 18.22 -6.64
N SER B 85 16.96 18.70 -5.44
CA SER B 85 18.33 18.67 -4.93
C SER B 85 18.58 17.36 -4.21
N VAL B 86 17.89 17.19 -3.09
CA VAL B 86 18.03 15.97 -2.28
C VAL B 86 18.15 14.62 -2.99
N THR B 87 17.02 14.15 -3.47
CA THR B 87 16.99 12.85 -4.17
C THR B 87 18.27 12.34 -4.83
N ALA B 88 19.06 13.27 -5.33
CA ALA B 88 20.32 12.91 -6.00
C ALA B 88 20.71 11.50 -5.57
N ASN B 89 21.15 11.37 -4.34
CA ASN B 89 21.57 10.06 -3.82
C ASN B 89 20.63 9.04 -4.47
N SER B 90 21.12 8.38 -5.49
CA SER B 90 20.32 7.38 -6.20
C SER B 90 20.62 6.26 -7.21
N LYS B 91 19.59 5.84 -7.92
CA LYS B 91 19.75 4.77 -8.91
C LYS B 91 18.44 4.78 -9.71
N ILE B 92 17.37 4.43 -9.04
CA ILE B 92 16.05 4.39 -9.69
C ILE B 92 15.13 5.55 -9.31
N VAL B 93 14.61 6.23 -10.31
CA VAL B 93 13.72 7.37 -10.07
C VAL B 93 12.54 7.26 -11.04
N VAL B 94 11.37 7.65 -10.56
CA VAL B 94 10.16 7.59 -11.39
C VAL B 94 9.21 8.80 -11.33
N VAL B 95 8.76 9.20 -12.51
CA VAL B 95 7.85 10.35 -12.61
C VAL B 95 6.51 10.03 -13.29
N THR B 96 5.46 10.62 -12.76
CA THR B 96 4.11 10.40 -13.32
C THR B 96 3.73 11.77 -13.86
N ALA B 97 3.19 12.61 -12.99
CA ALA B 97 2.76 13.95 -13.38
C ALA B 97 1.29 14.00 -13.77
N GLY B 98 0.48 14.45 -12.82
CA GLY B 98 -0.97 14.53 -13.06
C GLY B 98 -1.40 15.13 -14.40
N VAL B 99 -1.78 14.26 -15.32
CA VAL B 99 -2.21 14.69 -16.66
C VAL B 99 -2.67 13.26 -16.94
N ARG B 100 -1.71 12.35 -16.99
CA ARG B 100 -2.02 10.94 -17.27
C ARG B 100 -2.78 10.33 -18.44
N GLN B 101 -4.10 10.39 -18.35
CA GLN B 101 -4.95 9.83 -19.40
C GLN B 101 -5.81 10.69 -20.33
N GLN B 102 -6.96 11.11 -19.80
CA GLN B 102 -7.89 11.94 -20.59
C GLN B 102 -9.24 11.46 -20.07
N GLU B 103 -9.21 10.39 -19.32
CA GLU B 103 -10.45 9.81 -18.76
C GLU B 103 -11.42 9.03 -19.63
N GLY B 104 -11.10 8.94 -20.91
CA GLY B 104 -11.96 8.20 -21.85
C GLY B 104 -11.60 6.94 -22.65
N GLU B 105 -10.59 7.07 -23.49
CA GLU B 105 -10.14 5.94 -24.31
C GLU B 105 -8.65 5.87 -24.67
N SER B 106 -8.37 5.96 -25.95
CA SER B 106 -6.98 5.91 -26.43
C SER B 106 -5.99 6.73 -25.59
N ARG B 107 -5.17 6.03 -24.84
CA ARG B 107 -4.17 6.69 -23.98
C ARG B 107 -3.60 7.93 -24.66
N LEU B 108 -3.44 8.98 -23.88
CA LEU B 108 -2.90 10.25 -24.40
C LEU B 108 -2.08 10.39 -25.69
N ASN B 109 -2.79 10.40 -26.81
CA ASN B 109 -2.12 10.53 -28.12
C ASN B 109 -0.95 11.49 -27.93
N LEU B 110 -1.19 12.56 -27.19
CA LEU B 110 -0.14 13.57 -26.95
C LEU B 110 1.27 13.49 -26.39
N VAL B 111 1.93 14.64 -26.37
CA VAL B 111 3.31 14.71 -25.85
C VAL B 111 3.32 16.24 -25.81
N GLN B 112 2.57 16.85 -26.71
CA GLN B 112 2.50 18.31 -26.78
C GLN B 112 2.66 19.16 -25.52
N ARG B 113 1.59 19.24 -24.76
CA ARG B 113 1.60 20.02 -23.52
C ARG B 113 2.29 19.11 -22.50
N ASN B 114 2.62 17.91 -22.96
CA ASN B 114 3.29 16.94 -22.09
C ASN B 114 4.77 17.29 -21.93
N VAL B 115 5.41 17.55 -23.06
CA VAL B 115 6.83 17.91 -23.04
C VAL B 115 7.03 18.76 -21.79
N ASN B 116 6.22 19.80 -21.68
CA ASN B 116 6.30 20.71 -20.53
C ASN B 116 6.26 19.98 -19.18
N VAL B 117 5.12 19.36 -18.92
CA VAL B 117 4.94 18.62 -17.66
C VAL B 117 6.03 17.68 -17.15
N PHE B 118 6.70 17.03 -18.08
CA PHE B 118 7.77 16.09 -17.73
C PHE B 118 9.12 16.79 -17.57
N LYS B 119 9.43 17.63 -18.56
CA LYS B 119 10.70 18.37 -18.53
C LYS B 119 11.24 19.17 -17.34
N PHE B 120 10.42 20.08 -16.87
CA PHE B 120 10.81 20.92 -15.72
C PHE B 120 10.98 20.09 -14.45
N ILE B 121 10.68 18.81 -14.57
CA ILE B 121 10.80 17.91 -13.42
C ILE B 121 12.08 17.11 -13.65
N ILE B 122 12.10 16.37 -14.74
CA ILE B 122 13.27 15.55 -15.08
C ILE B 122 14.72 16.01 -15.22
N PRO B 123 14.94 16.99 -16.08
CA PRO B 123 16.29 17.52 -16.30
C PRO B 123 16.89 18.00 -14.98
N GLN B 124 16.04 18.09 -13.98
CA GLN B 124 16.48 18.55 -12.65
C GLN B 124 17.09 17.29 -12.02
N ILE B 125 16.24 16.33 -11.74
CA ILE B 125 16.70 15.07 -11.13
C ILE B 125 17.93 14.41 -11.74
N VAL B 126 17.94 14.33 -13.05
CA VAL B 126 19.06 13.71 -13.77
C VAL B 126 20.45 14.26 -13.46
N LYS B 127 20.53 15.58 -13.34
CA LYS B 127 21.81 16.23 -13.04
C LYS B 127 22.34 15.77 -11.68
N TYR B 128 21.47 15.84 -10.69
CA TYR B 128 21.85 15.43 -9.33
C TYR B 128 22.27 13.97 -9.13
N SER B 129 21.60 13.10 -9.85
CA SER B 129 21.88 11.65 -9.76
C SER B 129 21.91 11.30 -11.25
N PRO B 130 22.77 11.99 -11.97
CA PRO B 130 22.89 11.75 -13.42
C PRO B 130 23.23 10.28 -13.67
N ASN B 131 23.56 9.58 -12.60
CA ASN B 131 23.91 8.16 -12.70
C ASN B 131 22.80 7.20 -12.27
N CYS B 132 21.70 7.24 -13.00
CA CYS B 132 20.55 6.38 -12.67
C CYS B 132 19.80 5.85 -13.90
N ILE B 133 18.62 5.31 -13.65
CA ILE B 133 17.80 4.77 -14.75
C ILE B 133 16.43 5.35 -14.41
N ILE B 134 15.67 5.66 -15.46
CA ILE B 134 14.34 6.23 -15.27
C ILE B 134 13.11 5.45 -15.74
N ILE B 135 12.16 5.29 -14.84
CA ILE B 135 10.94 4.55 -15.16
C ILE B 135 9.88 5.61 -15.52
N VAL B 136 9.67 5.78 -16.81
CA VAL B 136 8.69 6.77 -17.29
C VAL B 136 7.31 6.19 -17.62
N VAL B 137 6.30 6.71 -16.93
CA VAL B 137 4.93 6.24 -17.14
C VAL B 137 4.02 7.40 -17.56
N SER B 138 3.20 7.14 -18.56
CA SER B 138 2.27 8.17 -19.06
C SER B 138 1.74 7.68 -20.40
N ASN B 139 0.56 7.08 -20.36
CA ASN B 139 -0.07 6.56 -21.58
C ASN B 139 0.96 5.91 -22.49
N PRO B 140 1.09 6.47 -23.69
CA PRO B 140 2.05 5.94 -24.66
C PRO B 140 3.45 5.91 -24.07
N VAL B 141 3.75 4.83 -23.38
CA VAL B 141 5.07 4.68 -22.74
C VAL B 141 6.16 4.91 -23.79
N ASP B 142 6.01 4.26 -24.92
CA ASP B 142 6.99 4.39 -26.01
C ASP B 142 7.27 5.89 -26.12
N ILE B 143 6.34 6.60 -26.74
CA ILE B 143 6.50 8.05 -26.91
C ILE B 143 7.45 8.79 -25.98
N LEU B 144 7.20 8.68 -24.69
CA LEU B 144 8.04 9.35 -23.68
C LEU B 144 9.39 8.73 -23.34
N THR B 145 9.45 7.41 -23.40
CA THR B 145 10.69 6.69 -23.09
C THR B 145 11.80 7.29 -23.95
N TYR B 146 11.54 7.37 -25.24
CA TYR B 146 12.53 7.92 -26.18
C TYR B 146 12.62 9.44 -25.99
N VAL B 147 11.57 10.00 -25.42
CA VAL B 147 11.53 11.45 -25.19
C VAL B 147 12.43 11.67 -23.98
N ALA B 148 12.14 10.94 -22.91
CA ALA B 148 12.92 11.06 -21.68
C ALA B 148 14.36 10.66 -22.01
N TRP B 149 14.51 9.43 -22.46
CA TRP B 149 15.85 8.92 -22.82
C TRP B 149 16.61 10.01 -23.56
N LYS B 150 16.09 10.40 -24.70
CA LYS B 150 16.73 11.44 -25.51
C LYS B 150 17.22 12.76 -24.89
N LEU B 151 16.27 13.51 -24.35
CA LEU B 151 16.59 14.79 -23.72
C LEU B 151 17.37 14.39 -22.46
N SER B 152 16.96 13.28 -21.88
CA SER B 152 17.62 12.78 -20.66
C SER B 152 19.07 12.30 -20.58
N GLY B 153 19.36 11.24 -21.30
CA GLY B 153 20.71 10.66 -21.30
C GLY B 153 21.34 9.27 -21.39
N LEU B 154 21.12 8.63 -22.52
CA LEU B 154 21.66 7.28 -22.74
C LEU B 154 20.45 6.44 -23.17
N PRO B 155 20.53 5.91 -24.38
CA PRO B 155 19.43 5.09 -24.91
C PRO B 155 19.16 3.92 -23.98
N LYS B 156 19.01 2.74 -24.56
CA LYS B 156 18.73 1.53 -23.78
C LYS B 156 19.38 1.18 -22.44
N HIS B 157 20.07 2.16 -21.87
CA HIS B 157 20.75 1.96 -20.59
C HIS B 157 19.89 2.60 -19.50
N ARG B 158 19.37 3.78 -19.80
CA ARG B 158 18.52 4.50 -18.85
C ARG B 158 17.00 4.51 -18.99
N VAL B 159 16.55 4.44 -20.23
CA VAL B 159 15.10 4.44 -20.51
C VAL B 159 14.25 3.17 -20.55
N ILE B 160 13.37 3.04 -19.58
CA ILE B 160 12.49 1.87 -19.51
C ILE B 160 11.06 2.39 -19.38
N GLY B 161 10.25 2.05 -20.36
CA GLY B 161 8.85 2.50 -20.37
C GLY B 161 7.97 1.84 -19.30
N SER B 162 7.64 0.58 -19.54
CA SER B 162 6.79 -0.16 -18.59
C SER B 162 5.75 -1.11 -19.18
N GLY B 163 4.61 -0.55 -19.56
CA GLY B 163 3.54 -1.35 -20.13
C GLY B 163 3.59 -2.88 -20.01
N CYS B 164 3.23 -3.55 -21.09
CA CYS B 164 3.24 -5.02 -21.10
C CYS B 164 3.00 -6.03 -19.97
N ASN B 165 3.84 -5.96 -18.97
CA ASN B 165 3.72 -6.87 -17.82
C ASN B 165 2.23 -6.70 -17.48
N LEU B 166 1.81 -5.46 -17.39
CA LEU B 166 0.42 -5.16 -17.06
C LEU B 166 -0.58 -5.95 -17.91
N ASP B 167 -0.50 -5.73 -19.22
CA ASP B 167 -1.40 -6.42 -20.15
C ASP B 167 -1.34 -7.94 -20.00
N SER B 168 -0.14 -8.45 -19.77
CA SER B 168 0.04 -9.90 -19.62
C SER B 168 -0.83 -10.30 -18.43
N ALA B 169 -0.57 -9.65 -17.30
CA ALA B 169 -1.33 -9.96 -16.07
C ALA B 169 -2.81 -10.07 -16.45
N ARG B 170 -3.33 -9.00 -17.02
CA ARG B 170 -4.74 -8.98 -17.43
C ARG B 170 -4.98 -10.22 -18.29
N PHE B 171 -4.22 -10.32 -19.36
CA PHE B 171 -4.34 -11.46 -20.27
C PHE B 171 -4.44 -12.75 -19.46
N ARG B 172 -3.43 -12.99 -18.64
CA ARG B 172 -3.40 -14.20 -17.81
C ARG B 172 -4.34 -14.68 -16.71
N TYR B 173 -4.66 -13.77 -15.79
CA TYR B 173 -5.54 -14.11 -14.67
C TYR B 173 -6.91 -14.59 -15.17
N LEU B 174 -7.66 -13.65 -15.73
CA LEU B 174 -8.99 -13.97 -16.26
C LEU B 174 -8.90 -15.30 -17.01
N MET B 175 -8.23 -15.25 -18.15
CA MET B 175 -8.07 -16.46 -18.98
C MET B 175 -7.82 -17.69 -18.11
N GLY B 176 -6.75 -17.64 -17.35
CA GLY B 176 -6.38 -18.75 -16.46
C GLY B 176 -7.64 -19.17 -15.71
N GLU B 177 -8.21 -18.23 -14.97
CA GLU B 177 -9.42 -18.51 -14.19
C GLU B 177 -10.49 -19.17 -15.07
N LYS B 178 -10.67 -18.61 -16.25
CA LYS B 178 -11.66 -19.14 -17.19
C LYS B 178 -11.20 -20.57 -17.46
N LEU B 179 -9.97 -20.70 -17.89
CA LEU B 179 -9.39 -22.02 -18.19
C LEU B 179 -9.77 -22.93 -17.01
N GLY B 180 -9.33 -22.55 -15.83
CA GLY B 180 -9.61 -23.33 -14.63
C GLY B 180 -8.26 -23.80 -14.12
N VAL B 181 -7.51 -22.86 -13.56
CA VAL B 181 -6.17 -23.17 -13.03
C VAL B 181 -5.46 -22.46 -11.88
N HIS B 182 -4.18 -22.21 -12.08
CA HIS B 182 -3.38 -21.53 -11.06
C HIS B 182 -2.82 -20.11 -11.22
N PRO B 183 -2.71 -19.41 -10.11
CA PRO B 183 -2.20 -18.03 -10.14
C PRO B 183 -0.80 -18.01 -10.77
N SER B 184 0.14 -18.58 -10.05
CA SER B 184 1.54 -18.63 -10.54
C SER B 184 2.25 -19.16 -11.78
N SER B 185 1.87 -20.36 -12.19
CA SER B 185 2.49 -20.99 -13.37
C SER B 185 1.75 -20.44 -14.59
N CYS B 186 1.53 -21.30 -15.55
CA CYS B 186 0.82 -20.89 -16.78
C CYS B 186 1.39 -19.71 -17.57
N HIS B 187 1.23 -19.79 -18.88
CA HIS B 187 1.74 -18.72 -19.75
C HIS B 187 1.49 -18.24 -21.18
N GLY B 188 1.78 -16.98 -21.43
CA GLY B 188 1.57 -16.40 -22.76
C GLY B 188 1.50 -14.88 -22.88
N TRP B 189 2.21 -14.34 -23.85
CA TRP B 189 2.23 -12.89 -24.06
C TRP B 189 1.61 -11.92 -25.06
N ILE B 190 1.91 -10.65 -24.88
CA ILE B 190 1.37 -9.61 -25.76
C ILE B 190 2.55 -8.79 -26.29
N LEU B 191 2.31 -8.07 -27.37
CA LEU B 191 3.35 -7.24 -27.98
C LEU B 191 2.81 -5.87 -28.40
N GLY B 192 3.72 -4.94 -28.59
CA GLY B 192 3.33 -3.57 -28.99
C GLY B 192 3.27 -2.32 -28.13
N GLU B 193 2.05 -1.89 -27.84
CA GLU B 193 1.83 -0.69 -27.03
C GLU B 193 0.98 -0.62 -25.77
N HIS B 194 -0.27 -0.21 -25.95
CA HIS B 194 -1.20 -0.11 -24.82
C HIS B 194 -2.56 0.27 -25.40
N GLY B 195 -3.39 -0.74 -25.60
CA GLY B 195 -4.73 -0.53 -26.17
C GLY B 195 -4.98 0.05 -27.56
N ASP B 196 -6.05 -0.43 -28.18
CA ASP B 196 -6.41 0.04 -29.53
C ASP B 196 -5.43 -0.59 -30.50
N SER B 197 -5.12 -1.85 -30.26
CA SER B 197 -4.18 -2.58 -31.12
C SER B 197 -3.70 -3.73 -30.22
N SER B 198 -3.01 -3.37 -29.16
CA SER B 198 -2.48 -4.37 -28.22
C SER B 198 -2.66 -5.75 -28.85
N VAL B 199 -1.56 -6.30 -29.32
CA VAL B 199 -1.58 -7.62 -29.97
C VAL B 199 -0.95 -8.77 -29.17
N ALA B 200 -1.74 -9.80 -28.94
CA ALA B 200 -1.27 -10.96 -28.18
C ALA B 200 -0.61 -12.03 -29.06
N VAL B 201 0.09 -12.95 -28.40
CA VAL B 201 0.77 -14.04 -29.11
C VAL B 201 -0.04 -15.25 -28.66
N TRP B 202 -0.61 -15.95 -29.63
CA TRP B 202 -1.42 -17.14 -29.33
C TRP B 202 -0.44 -18.24 -29.71
N SER B 203 0.68 -17.84 -30.27
CA SER B 203 1.71 -18.79 -30.69
C SER B 203 2.47 -19.52 -29.58
N GLY B 204 2.28 -19.05 -28.36
CA GLY B 204 2.94 -19.64 -27.20
C GLY B 204 2.11 -19.84 -25.94
N VAL B 205 0.87 -19.42 -26.01
CA VAL B 205 -0.05 -19.54 -24.87
C VAL B 205 -0.09 -21.01 -24.42
N ASN B 206 0.33 -21.24 -23.19
CA ASN B 206 0.35 -22.60 -22.64
C ASN B 206 -0.05 -22.69 -21.16
N VAL B 207 -0.11 -23.90 -20.66
CA VAL B 207 -0.48 -24.12 -19.25
C VAL B 207 0.39 -25.01 -18.37
N ALA B 208 0.85 -24.45 -17.26
CA ALA B 208 1.69 -25.18 -16.33
C ALA B 208 2.41 -26.37 -16.97
N GLY B 209 3.07 -26.10 -18.08
CA GLY B 209 3.80 -27.15 -18.80
C GLY B 209 4.73 -26.11 -19.44
N VAL B 210 4.35 -25.69 -20.64
CA VAL B 210 5.15 -24.70 -21.38
C VAL B 210 5.07 -25.70 -22.53
N VAL B 211 3.95 -26.40 -22.59
CA VAL B 211 3.76 -27.41 -23.65
C VAL B 211 2.99 -26.66 -24.75
N LEU B 212 1.76 -27.07 -24.95
CA LEU B 212 0.91 -26.44 -25.98
C LEU B 212 -0.60 -26.56 -25.89
N GLN B 213 -1.27 -25.43 -25.99
CA GLN B 213 -2.74 -25.41 -25.91
C GLN B 213 -3.27 -25.25 -27.34
N GLN B 214 -2.34 -25.09 -28.27
CA GLN B 214 -2.71 -24.92 -29.68
C GLN B 214 -3.11 -26.29 -30.24
N LEU B 215 -2.25 -27.26 -30.02
CA LEU B 215 -2.50 -28.62 -30.51
C LEU B 215 -3.91 -29.04 -30.08
N ASN B 216 -4.27 -28.66 -28.87
CA ASN B 216 -5.59 -29.00 -28.33
C ASN B 216 -6.86 -28.22 -28.68
N PRO B 217 -7.06 -27.13 -27.97
CA PRO B 217 -8.26 -26.29 -28.20
C PRO B 217 -8.29 -25.83 -29.66
N GLU B 218 -7.49 -26.49 -30.47
CA GLU B 218 -7.41 -26.15 -31.90
C GLU B 218 -7.49 -24.83 -32.67
N MET B 219 -6.40 -24.09 -32.65
CA MET B 219 -6.35 -22.79 -33.34
C MET B 219 -7.28 -21.58 -33.47
N GLY B 220 -7.92 -21.47 -34.61
CA GLY B 220 -8.84 -20.35 -34.87
C GLY B 220 -9.39 -19.42 -33.79
N THR B 221 -9.47 -18.15 -34.13
CA THR B 221 -9.97 -17.14 -33.18
C THR B 221 -11.02 -16.21 -33.81
N ASP B 222 -12.27 -16.50 -33.51
CA ASP B 222 -13.38 -15.70 -34.04
C ASP B 222 -14.25 -16.63 -34.89
N ASN B 223 -13.75 -17.83 -35.11
CA ASN B 223 -14.48 -18.81 -35.92
C ASN B 223 -14.49 -19.97 -34.93
N ASP B 224 -15.34 -19.85 -33.92
CA ASP B 224 -15.45 -20.89 -32.89
C ASP B 224 -16.39 -20.57 -31.73
N SER B 225 -16.85 -19.33 -31.70
CA SER B 225 -17.76 -18.88 -30.65
C SER B 225 -17.19 -18.58 -29.26
N GLU B 226 -16.70 -19.62 -28.60
CA GLU B 226 -16.13 -19.46 -27.26
C GLU B 226 -15.65 -18.01 -27.26
N ASN B 227 -14.94 -17.64 -28.30
CA ASN B 227 -14.42 -16.27 -28.43
C ASN B 227 -13.07 -15.87 -27.83
N TRP B 228 -12.04 -16.62 -28.20
CA TRP B 228 -10.69 -16.36 -27.70
C TRP B 228 -10.60 -14.85 -28.01
N LYS B 229 -10.81 -14.53 -29.27
CA LYS B 229 -10.74 -13.12 -29.70
C LYS B 229 -11.42 -12.18 -28.71
N GLU B 230 -12.71 -12.39 -28.52
CA GLU B 230 -13.48 -11.55 -27.59
C GLU B 230 -12.68 -11.40 -26.30
N VAL B 231 -12.10 -12.50 -25.85
CA VAL B 231 -11.31 -12.50 -24.62
C VAL B 231 -10.27 -11.39 -24.44
N HIS B 232 -9.40 -11.27 -25.42
CA HIS B 232 -8.34 -10.24 -25.36
C HIS B 232 -8.90 -8.83 -25.55
N LYS B 233 -9.98 -8.74 -26.30
CA LYS B 233 -10.62 -7.45 -26.57
C LYS B 233 -11.12 -7.04 -25.19
N MET B 234 -12.01 -7.85 -24.64
CA MET B 234 -12.57 -7.57 -23.31
C MET B 234 -11.47 -6.97 -22.44
N VAL B 235 -10.34 -7.64 -22.41
CA VAL B 235 -9.21 -7.18 -21.60
C VAL B 235 -8.83 -5.71 -21.87
N VAL B 236 -8.68 -5.40 -23.13
CA VAL B 236 -8.31 -4.03 -23.54
C VAL B 236 -9.40 -3.19 -22.86
N GLU B 237 -10.64 -3.60 -23.05
CA GLU B 237 -11.77 -2.89 -22.46
C GLU B 237 -11.48 -2.87 -20.96
N SER B 238 -11.13 -4.03 -20.44
CA SER B 238 -10.82 -4.16 -19.00
C SER B 238 -9.91 -3.01 -18.55
N ALA B 239 -8.83 -2.82 -19.29
CA ALA B 239 -7.88 -1.76 -18.95
C ALA B 239 -8.72 -0.49 -19.12
N TYR B 240 -9.44 -0.44 -20.22
CA TYR B 240 -10.29 0.73 -20.51
C TYR B 240 -11.33 1.35 -19.58
N GLU B 241 -12.58 0.95 -19.79
CA GLU B 241 -13.68 1.47 -18.97
C GLU B 241 -13.44 1.88 -17.51
N VAL B 242 -13.42 0.89 -16.64
CA VAL B 242 -13.20 1.13 -15.21
C VAL B 242 -12.93 2.64 -15.16
N ILE B 243 -13.92 3.41 -15.59
CA ILE B 243 -13.79 4.87 -15.60
C ILE B 243 -14.45 5.34 -14.31
N LYS B 244 -15.26 4.48 -13.73
CA LYS B 244 -15.96 4.80 -12.48
C LYS B 244 -14.87 5.07 -11.44
N LEU B 245 -13.93 4.15 -11.36
CA LEU B 245 -12.83 4.27 -10.40
C LEU B 245 -11.49 4.21 -11.16
N LYS B 246 -10.66 5.19 -10.90
CA LYS B 246 -9.35 5.26 -11.56
C LYS B 246 -7.99 4.93 -10.92
N GLY B 247 -7.70 5.63 -9.84
CA GLY B 247 -6.43 5.42 -9.12
C GLY B 247 -6.20 4.00 -8.60
N TYR B 248 -7.05 3.09 -9.05
CA TYR B 248 -6.95 1.69 -8.61
C TYR B 248 -6.25 1.10 -9.84
N THR B 249 -6.13 1.91 -10.87
CA THR B 249 -5.47 1.47 -12.12
C THR B 249 -4.17 1.52 -11.32
N ASN B 250 -4.00 2.62 -10.60
CA ASN B 250 -2.79 2.81 -9.79
C ASN B 250 -2.35 1.66 -8.87
N TRP B 251 -3.28 1.20 -8.06
CA TRP B 251 -2.98 0.11 -7.12
C TRP B 251 -2.11 -0.83 -7.96
N ALA B 252 -2.75 -1.56 -8.84
CA ALA B 252 -2.02 -2.50 -9.72
C ALA B 252 -0.88 -1.90 -10.54
N ILE B 253 -1.17 -0.77 -11.16
CA ILE B 253 -0.15 -0.09 -11.98
C ILE B 253 1.10 -0.05 -11.12
N GLY B 254 1.01 0.69 -10.02
CA GLY B 254 2.15 0.81 -9.10
C GLY B 254 2.71 -0.55 -8.68
N LEU B 255 1.82 -1.45 -8.34
CA LEU B 255 2.23 -2.80 -7.92
C LEU B 255 3.18 -3.26 -9.02
N SER B 256 2.66 -3.32 -10.23
CA SER B 256 3.46 -3.76 -11.38
C SER B 256 4.81 -3.04 -11.41
N VAL B 257 4.77 -1.73 -11.32
CA VAL B 257 5.99 -0.93 -11.35
C VAL B 257 6.92 -1.38 -10.22
N ALA B 258 6.33 -1.71 -9.10
CA ALA B 258 7.10 -2.15 -7.93
C ALA B 258 7.80 -3.45 -8.36
N ASP B 259 7.03 -4.33 -8.97
CA ASP B 259 7.57 -5.61 -9.42
C ASP B 259 8.77 -5.32 -10.34
N LEU B 260 8.54 -4.47 -11.32
CA LEU B 260 9.60 -4.11 -12.27
C LEU B 260 10.85 -3.59 -11.54
N ILE B 261 10.66 -2.53 -10.78
CA ILE B 261 11.77 -1.93 -10.03
C ILE B 261 12.47 -3.00 -9.19
N GLU B 262 11.67 -3.79 -8.49
CA GLU B 262 12.22 -4.86 -7.65
C GLU B 262 13.14 -5.55 -8.66
N SER B 263 12.53 -6.09 -9.70
CA SER B 263 13.30 -6.79 -10.74
C SER B 263 14.57 -6.06 -11.15
N MET B 264 14.40 -4.81 -11.54
CA MET B 264 15.55 -3.99 -11.97
C MET B 264 16.54 -3.66 -10.86
N LEU B 265 16.02 -3.13 -9.77
CA LEU B 265 16.88 -2.75 -8.64
C LEU B 265 17.88 -3.85 -8.24
N LYS B 266 17.35 -5.01 -7.94
CA LYS B 266 18.19 -6.14 -7.53
C LYS B 266 19.14 -6.85 -8.50
N ASN B 267 18.80 -6.79 -9.78
CA ASN B 267 19.62 -7.43 -10.82
C ASN B 267 19.42 -8.90 -11.19
N LEU B 268 18.16 -9.31 -11.21
CA LEU B 268 17.83 -10.70 -11.54
C LEU B 268 18.07 -11.34 -12.91
N SER B 269 18.34 -10.49 -13.89
CA SER B 269 18.60 -10.97 -15.25
C SER B 269 17.35 -11.86 -15.31
N ARG B 270 16.27 -11.29 -15.80
CA ARG B 270 15.01 -12.04 -15.90
C ARG B 270 14.24 -11.97 -17.21
N ILE B 271 13.29 -11.04 -17.27
CA ILE B 271 12.46 -10.88 -18.48
C ILE B 271 11.24 -10.03 -18.13
N HIS B 272 11.02 -9.00 -18.95
CA HIS B 272 9.88 -8.10 -18.73
C HIS B 272 9.68 -7.24 -19.98
N PRO B 273 8.44 -7.13 -20.41
CA PRO B 273 8.12 -6.33 -21.59
C PRO B 273 8.59 -4.89 -21.39
N VAL B 274 7.66 -3.97 -21.47
CA VAL B 274 7.98 -2.54 -21.30
C VAL B 274 8.72 -1.50 -22.13
N SER B 275 8.79 -1.76 -23.43
CA SER B 275 9.48 -0.84 -24.35
C SER B 275 10.83 -0.19 -24.07
N THR B 276 11.83 -0.60 -24.84
CA THR B 276 13.18 -0.07 -24.67
C THR B 276 13.70 0.24 -26.09
N MET B 277 14.69 -0.52 -26.50
CA MET B 277 15.28 -0.34 -27.83
C MET B 277 14.53 -1.37 -28.69
N VAL B 278 14.64 -1.21 -30.00
CA VAL B 278 13.97 -2.12 -30.93
C VAL B 278 15.09 -2.16 -31.97
N GLN B 279 16.12 -2.93 -31.66
CA GLN B 279 17.26 -3.04 -32.58
C GLN B 279 18.03 -4.36 -32.37
N GLY B 280 17.44 -5.23 -31.56
CA GLY B 280 18.06 -6.53 -31.28
C GLY B 280 18.61 -7.03 -32.62
N MET B 281 17.69 -7.35 -33.52
CA MET B 281 18.09 -7.84 -34.85
C MET B 281 16.76 -8.38 -35.36
N TYR B 282 15.78 -7.49 -35.46
CA TYR B 282 14.44 -7.89 -35.94
C TYR B 282 14.08 -6.49 -36.42
N GLY B 283 14.93 -5.94 -37.27
CA GLY B 283 14.69 -4.60 -37.82
C GLY B 283 13.32 -3.92 -37.73
N ILE B 284 13.30 -2.73 -37.17
CA ILE B 284 12.05 -1.98 -37.03
C ILE B 284 12.12 -0.54 -37.56
N GLU B 285 11.25 -0.25 -38.51
CA GLU B 285 11.21 1.09 -39.11
C GLU B 285 11.60 2.49 -38.62
N ASN B 286 12.86 2.65 -38.30
CA ASN B 286 13.37 3.94 -37.81
C ASN B 286 13.80 3.94 -36.34
N GLU B 287 13.52 5.05 -35.67
CA GLU B 287 13.89 5.18 -34.25
C GLU B 287 13.27 3.87 -33.76
N VAL B 288 12.01 3.69 -34.08
CA VAL B 288 11.29 2.47 -33.68
C VAL B 288 10.38 2.58 -32.45
N PHE B 289 10.96 2.32 -31.29
CA PHE B 289 10.19 2.38 -30.03
C PHE B 289 8.94 1.54 -29.85
N LEU B 290 8.85 0.89 -28.71
CA LEU B 290 7.70 0.04 -28.41
C LEU B 290 8.24 -1.01 -27.44
N SER B 291 7.44 -2.02 -27.18
CA SER B 291 7.86 -3.10 -26.26
C SER B 291 8.75 -4.27 -26.64
N LEU B 292 8.25 -5.47 -26.41
CA LEU B 292 9.02 -6.68 -26.72
C LEU B 292 9.61 -7.15 -25.40
N PRO B 293 9.34 -8.40 -25.06
CA PRO B 293 9.86 -8.97 -23.80
C PRO B 293 11.37 -8.85 -23.75
N CYS B 294 11.87 -8.39 -22.63
CA CYS B 294 13.33 -8.22 -22.46
C CYS B 294 13.79 -8.43 -21.01
N VAL B 295 15.10 -8.52 -20.85
CA VAL B 295 15.68 -8.72 -19.52
C VAL B 295 16.38 -7.54 -18.86
N LEU B 296 15.94 -7.21 -17.66
CA LEU B 296 16.53 -6.09 -16.92
C LEU B 296 17.50 -6.38 -15.77
N ASN B 297 18.46 -5.47 -15.61
CA ASN B 297 19.46 -5.62 -14.54
C ASN B 297 20.36 -4.45 -14.15
N ALA B 298 21.27 -4.72 -13.22
CA ALA B 298 22.19 -3.68 -12.74
C ALA B 298 22.29 -2.19 -13.05
N ARG B 299 22.12 -1.86 -14.32
CA ARG B 299 22.21 -0.46 -14.75
C ARG B 299 20.95 -0.07 -15.54
N GLY B 300 20.21 -1.07 -15.97
CA GLY B 300 18.98 -0.83 -16.74
C GLY B 300 18.84 -2.22 -17.37
N LEU B 301 18.68 -2.24 -18.67
CA LEU B 301 18.53 -3.51 -19.40
C LEU B 301 19.68 -4.06 -20.24
N THR B 302 19.69 -5.37 -20.40
CA THR B 302 20.74 -6.02 -21.19
C THR B 302 20.01 -7.13 -21.94
N SER B 303 19.70 -6.85 -23.20
CA SER B 303 18.99 -7.84 -24.03
C SER B 303 17.48 -7.97 -24.15
N VAL B 304 16.99 -7.85 -25.37
CA VAL B 304 15.55 -7.97 -25.62
C VAL B 304 15.31 -9.26 -26.40
N ILE B 305 14.12 -9.82 -26.24
CA ILE B 305 13.77 -11.07 -26.92
C ILE B 305 12.95 -11.03 -28.22
N ASN B 306 13.66 -11.10 -29.33
CA ASN B 306 13.00 -11.07 -30.63
C ASN B 306 12.29 -12.05 -31.58
N GLN B 307 10.97 -11.99 -31.57
CA GLN B 307 10.17 -12.89 -32.42
C GLN B 307 8.71 -13.33 -32.44
N LYS B 308 8.30 -13.86 -33.59
CA LYS B 308 6.91 -14.33 -33.74
C LYS B 308 6.55 -15.12 -35.01
N LEU B 309 5.25 -15.27 -35.21
CA LEU B 309 4.77 -16.00 -36.39
C LEU B 309 4.85 -14.73 -37.23
N LYS B 310 4.13 -14.72 -38.33
CA LYS B 310 4.14 -13.55 -39.22
C LYS B 310 2.78 -13.35 -39.91
N ASP B 311 1.75 -13.90 -39.31
CA ASP B 311 0.40 -13.79 -39.87
C ASP B 311 -0.53 -12.60 -39.58
N ASP B 312 -0.18 -11.47 -40.17
CA ASP B 312 -0.99 -10.25 -39.98
C ASP B 312 -0.69 -9.69 -38.59
N GLU B 313 -0.71 -10.57 -37.61
CA GLU B 313 -0.46 -10.17 -36.22
C GLU B 313 0.90 -9.46 -36.29
N VAL B 314 1.81 -10.05 -37.04
CA VAL B 314 3.16 -9.48 -37.17
C VAL B 314 2.89 -8.02 -37.58
N ALA B 315 2.18 -7.86 -38.68
CA ALA B 315 1.85 -6.52 -39.18
C ALA B 315 1.12 -5.73 -38.10
N GLN B 316 0.13 -6.36 -37.51
CA GLN B 316 -0.66 -5.71 -36.45
C GLN B 316 0.39 -5.00 -35.60
N LEU B 317 1.20 -5.80 -34.93
CA LEU B 317 2.25 -5.25 -34.06
C LEU B 317 3.05 -4.17 -34.81
N LYS B 318 3.71 -4.59 -35.86
CA LYS B 318 4.53 -3.67 -36.67
C LYS B 318 3.91 -2.31 -36.97
N ASN B 319 2.89 -2.32 -37.81
CA ASN B 319 2.21 -1.07 -38.20
C ASN B 319 1.78 0.04 -37.24
N SER B 320 1.35 -0.36 -36.06
CA SER B 320 0.91 0.60 -35.05
C SER B 320 2.02 1.62 -34.80
N ALA B 321 3.14 1.13 -34.28
CA ALA B 321 4.28 2.00 -34.00
C ALA B 321 4.43 2.99 -35.15
N ASP B 322 4.63 2.44 -36.34
CA ASP B 322 4.78 3.27 -37.54
C ASP B 322 3.80 4.43 -37.70
N THR B 323 2.54 4.08 -37.90
CA THR B 323 1.49 5.09 -38.06
C THR B 323 1.50 6.35 -37.20
N LEU B 324 1.88 6.17 -35.95
CA LEU B 324 1.92 7.29 -35.00
C LEU B 324 3.15 8.19 -35.20
N TRP B 325 4.31 7.56 -35.26
CA TRP B 325 5.56 8.29 -35.45
C TRP B 325 5.20 9.05 -36.72
N GLY B 326 4.73 8.32 -37.71
CA GLY B 326 4.35 8.94 -38.99
C GLY B 326 3.85 10.36 -38.71
N ILE B 327 2.72 10.44 -38.02
CA ILE B 327 2.13 11.74 -37.69
C ILE B 327 2.92 12.46 -36.61
N GLN B 328 3.41 11.69 -35.66
CA GLN B 328 4.20 12.26 -34.55
C GLN B 328 5.32 13.11 -35.15
N LYS B 329 6.00 12.56 -36.13
CA LYS B 329 7.10 13.28 -36.79
C LYS B 329 6.74 14.74 -36.54
N ASP B 330 5.73 15.20 -37.25
CA ASP B 330 5.29 16.60 -37.11
C ASP B 330 5.12 17.03 -35.66
N LEU B 331 4.17 16.40 -34.98
CA LEU B 331 3.89 16.72 -33.58
C LEU B 331 5.08 16.77 -32.62
N LYS B 332 6.12 16.04 -32.97
CA LYS B 332 7.32 15.99 -32.13
C LYS B 332 8.36 17.09 -32.34
N ASP B 333 8.62 17.84 -31.28
CA ASP B 333 9.60 18.94 -31.35
C ASP B 333 9.74 20.06 -30.32
N LEU B 334 10.35 19.72 -29.19
CA LEU B 334 10.55 20.69 -28.12
C LEU B 334 11.49 21.88 -28.22
N7N LNC C . -7.19 4.36 14.68
C7N LNC C . -6.64 5.51 14.24
O7N LNC C . -5.51 5.78 14.63
C3N LNC C . -7.36 6.45 13.31
C4N LNC C . -6.84 7.66 13.08
C5N LNC C . -7.52 8.50 12.22
CGS LNC C . -6.97 9.86 11.94
CBS LNC C . -6.33 10.47 13.21
CAS LNC C . -5.69 9.37 14.04
OAS LNC C . -6.18 9.42 15.37
CS LNC C . -4.20 9.54 14.07
O1S LNC C . -3.61 9.87 15.16
O2S LNC C . -3.52 9.36 13.01
C6N LNC C . -8.68 8.09 11.62
N1N LNC C . -9.16 6.86 11.90
C2N LNC C . -8.54 6.17 12.65
C1D LNC C . -10.40 6.36 11.30
O4D LNC C . -10.09 5.64 10.12
C4D LNC C . -11.31 5.53 9.32
C5D LNC C . -10.93 5.49 7.85
O5D LNC C . -10.85 6.82 7.32
PN LNC C . -10.83 7.03 5.73
O1N LNC C . -11.46 8.33 5.40
O2N LNC C . -9.48 6.81 5.21
O3 LNC C . -11.79 5.84 5.25
PA LNC C . -13.00 6.66 4.58
O1A LNC C . -13.74 7.39 5.62
O2A LNC C . -12.47 7.47 3.45
O5B LNC C . -13.90 5.47 4.01
C5B LNC C . -13.71 5.03 2.65
C4B LNC C . -14.62 3.86 2.35
O4B LNC C . -15.55 3.66 3.45
C1B LNC C . -16.75 3.07 2.97
C2B LNC C . -16.66 3.01 1.45
O2B LNC C . -16.23 1.71 1.09
C3B LNC C . -15.56 4.04 1.16
O3B LNC C . -14.90 3.81 -0.08
N9A LNC C . -17.89 3.86 3.47
C8A LNC C . -18.06 5.22 3.44
N7A LNC C . -19.18 5.62 3.96
C5A LNC C . -19.80 4.45 4.37
C6A LNC C . -21.03 4.18 5.01
N6A LNC C . -21.90 5.13 5.37
N1A LNC C . -21.33 2.89 5.28
C2A LNC C . -20.45 1.94 4.93
N3A LNC C . -19.29 2.07 4.33
C4A LNC C . -19.01 3.37 4.08
C3D LNC C . -12.19 6.67 9.81
O3D LNC C . -13.28 6.12 10.55
C2D LNC C . -11.33 7.47 10.80
O2D LNC C . -12.04 8.10 11.84
C1 CIT D . 6.30 -3.28 21.06
O1 CIT D . 5.00 -3.17 21.05
O2 CIT D . 6.90 -3.41 19.95
C2 CIT D . 7.05 -3.65 22.42
C3 CIT D . 8.45 -3.00 22.26
O7 CIT D . 9.06 -3.62 21.42
C4 CIT D . 9.10 -2.89 23.88
C5 CIT D . 8.35 -1.68 24.61
O3 CIT D . 7.15 -1.54 24.43
O4 CIT D . 8.94 -0.90 25.31
C6 CIT D . 8.34 -1.56 21.63
O5 CIT D . 9.27 -0.68 21.92
O6 CIT D . 7.42 -1.24 21.01
N7N LNC E . 1.89 2.05 -16.68
C7N LNC E . 0.56 1.83 -16.54
O7N LNC E . 0.17 0.68 -16.65
C3N LNC E . -0.42 2.93 -16.25
C4N LNC E . -1.74 2.68 -16.33
C5N LNC E . -2.60 3.71 -16.05
CGS LNC E . -4.08 3.47 -16.12
CBS LNC E . -4.42 2.50 -17.27
CAS LNC E . -3.30 1.48 -17.45
OAS LNC E . -2.85 1.47 -18.79
CS LNC E . -3.80 0.10 -17.10
O1S LNC E . -3.92 -0.78 -18.01
O2S LNC E . -4.10 -0.18 -15.89
C6N LNC E . -2.13 4.95 -15.72
N1N LNC E . -0.80 5.15 -15.67
C2N LNC E . -0.08 4.23 -15.91
C1D LNC E . -0.22 6.45 -15.32
O4D LNC E . 0.03 6.50 -13.93
C4D LNC E . 0.18 7.90 -13.53
C5D LNC E . -0.30 8.05 -12.09
O5D LNC E . -1.71 8.32 -12.07
PN LNC E . -2.36 8.89 -10.73
O1N LNC E . -3.53 9.74 -11.07
O2N LNC E . -2.62 7.78 -9.78
O3 LNC E . -1.17 9.81 -10.16
PA LNC E . -1.86 11.26 -10.19
O1A LNC E . -2.06 11.68 -11.60
O2A LNC E . -3.05 11.27 -9.33
O5B LNC E . -0.71 12.16 -9.54
C5B LNC E . -0.75 12.41 -8.12
C4B LNC E . 0.47 13.22 -7.69
O4B LNC E . 1.19 13.67 -8.88
C1B LNC E . 1.88 14.87 -8.59
C2B LNC E . 1.46 15.33 -7.20
O2B LNC E . 2.47 14.89 -6.31
C3B LNC E . 0.17 14.53 -6.98
O3B LNC E . -0.13 14.33 -5.61
N9A LNC E . 1.54 15.86 -9.66
C8A LNC E . 0.31 16.19 -10.15
N7A LNC E . 0.35 17.09 -11.09
C5A LNC E . 1.71 17.38 -11.22
C6A LNC E . 2.43 18.27 -12.05
N6A LNC E . 1.84 19.06 -12.96
N1A LNC E . 3.76 18.29 -11.92
C2A LNC E . 4.33 17.50 -11.02
N3A LNC E . 3.78 16.64 -10.19
C4A LNC E . 2.44 16.63 -10.36
C3D LNC E . -0.53 8.68 -14.63
O3D LNC E . 0.44 9.37 -15.40
C2D LNC E . -1.19 7.62 -15.52
O2D LNC E . -1.31 7.99 -16.89
C1 CIT F . 7.74 -13.65 -15.75
O1 CIT F . 7.93 -12.41 -16.17
O2 CIT F . 7.38 -13.82 -14.55
C2 CIT F . 8.30 -14.85 -16.62
C3 CIT F . 7.32 -16.02 -16.30
O7 CIT F . 7.51 -16.37 -15.14
C4 CIT F . 7.54 -17.19 -17.59
C5 CIT F . 6.81 -16.60 -18.88
O3 CIT F . 6.89 -15.39 -19.12
O4 CIT F . 6.15 -17.30 -19.60
C6 CIT F . 5.82 -15.53 -16.27
O5 CIT F . 4.89 -16.39 -16.57
O6 CIT F . 5.56 -14.41 -16.10
#